data_3U39
#
_entry.id   3U39
#
_cell.length_a   201.909
_cell.length_b   113.383
_cell.length_c   76.627
_cell.angle_alpha   90.000
_cell.angle_beta   104.030
_cell.angle_gamma   90.000
#
_symmetry.space_group_name_H-M   'C 1 2 1'
#
loop_
_entity.id
_entity.type
_entity.pdbx_description
1 polymer 6-phosphofructokinase
2 non-polymer 'CALCIUM ION'
3 water water
#
_entity_poly.entity_id   1
_entity_poly.type   'polypeptide(L)'
_entity_poly.pdbx_seq_one_letter_code
;MKRIGVLTSGGDSPGMNAAIRSVVRKAIYHGVEVYGVYHGYAGLIAGNIKKLEVGDVGDIIHRGGTILYTARCPEFKTEE
GQKKGIEQLKKHGIEGLVVIGGDGSYQGAKKLTEHGFPCVGVPGTIDNDIPGTDFTIGFDTALNTVIDAIDKIRDTATSH
ERTYVIEVMGRHAGDIALWSGLAGGAETILIPEADYDMNDVIARLKRGHERGKKHSIIIVAEGVGSGVDFGRQIQEATGF
ETRVTVLGHVQRGGSPTAFDRVLASRLGARAVELLLEGKGGRCVGIQNNQLVDHDIAEALANKHTIDQRMYALSKELSI
;
_entity_poly.pdbx_strand_id   A,B,C,D
#
loop_
_chem_comp.id
_chem_comp.type
_chem_comp.name
_chem_comp.formula
CA non-polymer 'CALCIUM ION' 'Ca 2'
#
# COMPACT_ATOMS: atom_id res chain seq x y z
N MET A 1 -10.04 -40.11 10.98
CA MET A 1 -9.52 -39.30 12.09
C MET A 1 -10.58 -38.46 12.76
N LYS A 2 -10.35 -38.16 14.03
CA LYS A 2 -11.20 -37.26 14.77
C LYS A 2 -10.38 -36.07 15.26
N ARG A 3 -9.11 -36.31 15.60
CA ARG A 3 -8.20 -35.22 15.98
C ARG A 3 -6.92 -35.19 15.15
N ILE A 4 -6.53 -33.99 14.69
CA ILE A 4 -5.28 -33.82 13.96
C ILE A 4 -4.50 -32.60 14.46
N GLY A 5 -3.26 -32.46 14.00
CA GLY A 5 -2.41 -31.36 14.42
C GLY A 5 -1.87 -30.52 13.26
N VAL A 6 -1.36 -29.34 13.60
CA VAL A 6 -0.83 -28.43 12.60
C VAL A 6 0.35 -27.66 13.18
N LEU A 7 1.31 -27.36 12.32
CA LEU A 7 2.57 -26.81 12.78
C LEU A 7 3.21 -26.08 11.60
N THR A 8 4.08 -25.10 11.87
CA THR A 8 4.84 -24.40 10.82
C THR A 8 6.35 -24.40 11.10
N SER A 9 7.13 -24.84 10.12
CA SER A 9 8.58 -24.96 10.31
C SER A 9 9.37 -24.19 9.26
N GLY A 10 10.66 -24.02 9.51
CA GLY A 10 11.50 -23.25 8.62
C GLY A 10 11.18 -21.76 8.65
N GLY A 11 11.61 -21.04 7.63
CA GLY A 11 11.41 -19.60 7.58
C GLY A 11 9.96 -19.15 7.56
N ASP A 12 9.74 -17.97 8.11
CA ASP A 12 8.46 -17.27 8.12
C ASP A 12 7.95 -17.05 6.68
N SER A 13 6.63 -16.92 6.50
CA SER A 13 6.10 -16.70 5.15
C SER A 13 4.68 -16.13 5.12
N PRO A 14 4.49 -14.98 4.44
CA PRO A 14 3.16 -14.36 4.42
C PRO A 14 2.13 -15.28 3.80
N GLY A 15 1.10 -15.62 4.57
CA GLY A 15 0.05 -16.50 4.09
C GLY A 15 -0.07 -17.76 4.93
N MET A 16 0.99 -18.09 5.67
CA MET A 16 0.96 -19.26 6.54
C MET A 16 -0.28 -19.24 7.42
N ASN A 17 -0.58 -18.10 8.02
CA ASN A 17 -1.77 -17.95 8.85
C ASN A 17 -3.04 -18.29 8.07
N ALA A 18 -3.08 -17.91 6.81
CA ALA A 18 -4.22 -18.24 5.98
C ALA A 18 -4.29 -19.75 5.79
N ALA A 19 -3.11 -20.37 5.67
CA ALA A 19 -3.02 -21.83 5.57
C ALA A 19 -3.57 -22.48 6.83
N ILE A 20 -3.04 -22.03 7.97
CA ILE A 20 -3.46 -22.51 9.29
C ILE A 20 -4.95 -22.30 9.55
N ARG A 21 -5.43 -21.10 9.27
CA ARG A 21 -6.87 -20.85 9.32
C ARG A 21 -7.65 -21.88 8.51
N SER A 22 -7.18 -22.14 7.29
CA SER A 22 -7.89 -23.07 6.41
C SER A 22 -7.79 -24.51 6.89
N VAL A 23 -6.60 -24.93 7.30
CA VAL A 23 -6.43 -26.24 7.90
C VAL A 23 -7.47 -26.42 9.02
N VAL A 24 -7.54 -25.43 9.90
CA VAL A 24 -8.48 -25.48 11.01
C VAL A 24 -9.95 -25.48 10.57
N ARG A 25 -10.38 -24.43 9.88
CA ARG A 25 -11.79 -24.34 9.52
C ARG A 25 -12.31 -25.49 8.63
N LYS A 26 -11.43 -26.08 7.82
CA LYS A 26 -11.82 -27.24 7.01
C LYS A 26 -12.08 -28.42 7.94
N ALA A 27 -11.13 -28.69 8.82
CA ALA A 27 -11.28 -29.79 9.76
C ALA A 27 -12.60 -29.68 10.51
N ILE A 28 -12.91 -28.48 10.99
CA ILE A 28 -14.17 -28.26 11.68
C ILE A 28 -15.37 -28.69 10.83
N TYR A 29 -15.40 -28.30 9.56
CA TYR A 29 -16.50 -28.69 8.67
C TYR A 29 -16.75 -30.19 8.67
N HIS A 30 -15.71 -30.97 8.90
CA HIS A 30 -15.82 -32.42 8.85
C HIS A 30 -15.87 -33.04 10.25
N GLY A 31 -16.05 -32.20 11.26
CA GLY A 31 -16.18 -32.68 12.63
C GLY A 31 -14.88 -33.15 13.24
N VAL A 32 -13.76 -32.65 12.74
CA VAL A 32 -12.44 -33.00 13.27
C VAL A 32 -11.84 -31.90 14.14
N GLU A 33 -11.22 -32.30 15.25
CA GLU A 33 -10.53 -31.36 16.11
C GLU A 33 -9.17 -31.00 15.53
N VAL A 34 -8.69 -29.81 15.86
CA VAL A 34 -7.35 -29.41 15.45
C VAL A 34 -6.56 -28.86 16.62
N TYR A 35 -5.35 -29.37 16.79
CA TYR A 35 -4.44 -28.92 17.83
C TYR A 35 -3.25 -28.21 17.21
N GLY A 36 -2.89 -27.05 17.76
CA GLY A 36 -1.73 -26.31 17.32
C GLY A 36 -0.48 -26.79 18.02
N VAL A 37 0.61 -26.91 17.26
CA VAL A 37 1.90 -27.22 17.82
C VAL A 37 2.73 -25.97 17.63
N TYR A 38 3.26 -25.43 18.71
CA TYR A 38 3.91 -24.13 18.66
C TYR A 38 5.43 -24.25 18.59
N HIS A 39 6.05 -23.37 17.82
CA HIS A 39 7.52 -23.35 17.69
C HIS A 39 8.09 -24.53 16.89
N GLY A 40 7.42 -24.89 15.81
CA GLY A 40 7.93 -25.90 14.89
C GLY A 40 8.20 -27.25 15.52
N TYR A 41 9.12 -28.00 14.92
CA TYR A 41 9.45 -29.32 15.45
C TYR A 41 9.97 -29.24 16.89
N ALA A 42 10.71 -28.18 17.20
CA ALA A 42 11.17 -27.93 18.57
C ALA A 42 10.01 -27.94 19.56
N GLY A 43 8.91 -27.32 19.15
CA GLY A 43 7.68 -27.36 19.90
C GLY A 43 7.15 -28.77 20.02
N LEU A 44 7.12 -29.49 18.90
CA LEU A 44 6.59 -30.85 18.89
C LEU A 44 7.33 -31.71 19.90
N ILE A 45 8.66 -31.71 19.79
CA ILE A 45 9.50 -32.40 20.77
C ILE A 45 9.12 -31.96 22.17
N ALA A 46 8.89 -30.65 22.34
CA ALA A 46 8.69 -30.05 23.65
C ALA A 46 7.33 -30.29 24.29
N GLY A 47 6.30 -30.45 23.47
CA GLY A 47 4.96 -30.68 23.98
C GLY A 47 4.06 -29.46 23.93
N ASN A 48 4.53 -28.41 23.25
CA ASN A 48 3.76 -27.19 23.04
C ASN A 48 2.49 -27.42 22.22
N ILE A 49 1.47 -28.01 22.82
CA ILE A 49 0.31 -28.36 22.04
C ILE A 49 -0.97 -27.90 22.73
N LYS A 50 -1.77 -27.12 22.01
CA LYS A 50 -3.02 -26.66 22.55
C LYS A 50 -4.07 -26.76 21.46
N LYS A 51 -5.23 -27.30 21.79
CA LYS A 51 -6.35 -27.27 20.85
C LYS A 51 -6.48 -25.86 20.32
N LEU A 52 -6.79 -25.73 19.04
CA LEU A 52 -7.21 -24.46 18.45
C LEU A 52 -8.73 -24.44 18.38
N GLU A 53 -9.31 -23.29 18.69
CA GLU A 53 -10.75 -23.16 18.59
C GLU A 53 -11.09 -22.35 17.35
N VAL A 54 -12.37 -22.32 17.00
CA VAL A 54 -12.82 -21.54 15.86
C VAL A 54 -12.35 -20.09 15.97
N GLY A 55 -12.40 -19.55 17.19
CA GLY A 55 -12.07 -18.16 17.42
C GLY A 55 -10.60 -17.83 17.38
N ASP A 56 -9.76 -18.83 17.21
CA ASP A 56 -8.32 -18.59 17.12
C ASP A 56 -7.87 -18.39 15.66
N VAL A 57 -8.76 -18.66 14.72
CA VAL A 57 -8.50 -18.39 13.32
C VAL A 57 -9.46 -17.31 12.81
N GLY A 58 -10.07 -16.61 13.77
CA GLY A 58 -11.08 -15.58 13.51
C GLY A 58 -10.62 -14.34 12.76
N ASP A 59 -9.43 -13.85 13.07
CA ASP A 59 -8.76 -13.00 12.09
C ASP A 59 -8.53 -13.99 10.93
N ILE A 60 -7.34 -14.57 10.72
CA ILE A 60 -6.01 -14.06 10.97
C ILE A 60 -5.53 -14.12 9.52
N ILE A 61 -6.51 -14.23 8.64
CA ILE A 61 -6.27 -14.54 7.24
C ILE A 61 -5.43 -13.47 6.58
N HIS A 62 -5.42 -12.29 7.18
CA HIS A 62 -4.75 -11.14 6.59
C HIS A 62 -3.38 -10.92 7.20
N ARG A 63 -3.07 -11.69 8.24
CA ARG A 63 -1.87 -11.43 9.01
C ARG A 63 -0.66 -12.19 8.49
N GLY A 64 0.45 -11.48 8.32
CA GLY A 64 1.71 -12.12 7.98
C GLY A 64 2.22 -12.95 9.14
N GLY A 65 3.39 -13.55 8.96
CA GLY A 65 3.99 -14.39 10.00
C GLY A 65 3.19 -15.66 10.26
N THR A 66 3.45 -16.31 11.38
CA THR A 66 2.70 -17.48 11.78
C THR A 66 2.33 -17.42 13.26
N ILE A 67 1.04 -17.55 13.58
CA ILE A 67 0.63 -17.50 14.98
C ILE A 67 1.10 -18.72 15.76
N LEU A 68 1.55 -19.74 15.06
CA LEU A 68 2.05 -20.93 15.73
C LEU A 68 3.55 -20.82 15.99
N TYR A 69 4.13 -19.71 15.54
CA TYR A 69 5.58 -19.49 15.60
C TYR A 69 6.30 -20.57 14.80
N THR A 70 7.62 -20.62 14.95
CA THR A 70 8.46 -21.52 14.16
C THR A 70 9.86 -21.46 14.72
N ALA A 71 10.55 -22.59 14.72
CA ALA A 71 11.90 -22.61 15.27
C ALA A 71 12.69 -23.82 14.84
N ARG A 72 13.99 -23.66 14.76
CA ARG A 72 14.86 -24.74 14.32
C ARG A 72 14.93 -25.84 15.35
N CYS A 73 15.30 -27.04 14.91
CA CYS A 73 15.38 -28.18 15.80
C CYS A 73 16.46 -29.17 15.38
N PRO A 74 17.72 -28.93 15.76
CA PRO A 74 18.78 -29.91 15.50
C PRO A 74 18.31 -31.29 15.97
N GLU A 75 17.74 -31.33 17.17
CA GLU A 75 17.35 -32.58 17.79
C GLU A 75 16.44 -33.47 16.93
N PHE A 76 15.62 -32.86 16.09
CA PHE A 76 14.63 -33.61 15.32
C PHE A 76 15.22 -34.34 14.12
N LYS A 77 16.47 -34.03 13.79
CA LYS A 77 17.17 -34.72 12.72
C LYS A 77 17.59 -36.11 13.19
N THR A 78 17.78 -36.25 14.51
CA THR A 78 18.11 -37.55 15.06
C THR A 78 16.84 -38.32 15.38
N GLU A 79 16.91 -39.63 15.21
CA GLU A 79 15.79 -40.53 15.43
C GLU A 79 15.14 -40.40 16.81
N GLU A 80 15.96 -40.39 17.83
CA GLU A 80 15.45 -40.22 19.15
C GLU A 80 14.49 -39.06 19.19
N GLY A 81 14.65 -38.10 18.32
CA GLY A 81 13.79 -36.93 18.35
C GLY A 81 12.39 -37.18 17.85
N GLN A 82 12.29 -37.55 16.59
CA GLN A 82 11.00 -37.79 16.04
C GLN A 82 10.23 -38.71 16.93
N LYS A 83 10.94 -39.57 17.60
CA LYS A 83 10.33 -40.50 18.50
C LYS A 83 9.62 -39.75 19.56
N LYS A 84 10.42 -39.02 20.32
CA LYS A 84 9.96 -38.11 21.36
C LYS A 84 8.78 -37.27 20.88
N GLY A 85 8.89 -36.77 19.65
CA GLY A 85 7.83 -35.95 19.05
C GLY A 85 6.55 -36.72 18.81
N ILE A 86 6.66 -37.96 18.37
CA ILE A 86 5.49 -38.80 18.18
C ILE A 86 4.83 -39.12 19.53
N GLU A 87 5.65 -39.39 20.55
CA GLU A 87 5.13 -39.56 21.90
C GLU A 87 4.17 -38.42 22.19
N GLN A 88 4.69 -37.18 22.16
CA GLN A 88 3.88 -35.99 22.38
C GLN A 88 2.59 -35.99 21.57
N LEU A 89 2.71 -36.26 20.28
CA LEU A 89 1.54 -36.42 19.42
C LEU A 89 0.55 -37.39 20.04
N LYS A 90 0.99 -38.63 20.24
CA LYS A 90 0.15 -39.66 20.83
C LYS A 90 -0.46 -39.17 22.15
N LYS A 91 0.35 -38.51 22.97
CA LYS A 91 -0.09 -38.03 24.28
C LYS A 91 -1.33 -37.15 24.20
N HIS A 92 -1.46 -36.41 23.11
CA HIS A 92 -2.63 -35.54 22.94
C HIS A 92 -3.67 -36.16 22.01
N GLY A 93 -3.45 -37.42 21.61
CA GLY A 93 -4.39 -38.17 20.79
C GLY A 93 -4.52 -37.63 19.38
N ILE A 94 -3.41 -37.14 18.86
CA ILE A 94 -3.36 -36.57 17.51
C ILE A 94 -3.03 -37.69 16.55
N GLU A 95 -3.81 -37.78 15.48
CA GLU A 95 -3.73 -38.89 14.55
C GLU A 95 -3.10 -38.52 13.22
N GLY A 96 -2.84 -37.23 13.03
CA GLY A 96 -2.29 -36.71 11.79
C GLY A 96 -1.71 -35.33 11.98
N LEU A 97 -0.85 -34.92 11.06
CA LEU A 97 -0.15 -33.65 11.18
C LEU A 97 0.03 -32.94 9.84
N VAL A 98 -0.40 -31.68 9.77
CA VAL A 98 -0.14 -30.83 8.62
C VAL A 98 1.11 -30.04 8.92
N VAL A 99 2.13 -30.12 8.08
CA VAL A 99 3.34 -29.34 8.28
C VAL A 99 3.47 -28.26 7.21
N ILE A 100 3.27 -27.02 7.61
CA ILE A 100 3.31 -25.90 6.69
C ILE A 100 4.66 -25.21 6.72
N GLY A 101 5.29 -25.10 5.54
CA GLY A 101 6.50 -24.29 5.40
C GLY A 101 7.51 -24.81 4.40
N GLY A 102 8.63 -24.10 4.29
CA GLY A 102 9.85 -24.71 3.79
C GLY A 102 10.38 -25.25 5.09
N ASP A 103 11.69 -25.39 5.25
CA ASP A 103 12.68 -25.16 4.21
C ASP A 103 13.95 -25.83 4.70
N GLY A 104 13.83 -27.07 5.16
CA GLY A 104 12.58 -27.81 5.18
C GLY A 104 12.91 -29.23 5.59
N SER A 105 12.22 -29.85 6.55
CA SER A 105 10.87 -29.52 7.05
C SER A 105 9.84 -30.44 6.38
N TYR A 106 9.99 -30.66 5.07
CA TYR A 106 9.36 -31.80 4.42
C TYR A 106 10.12 -33.05 4.84
N GLN A 107 11.42 -32.87 5.09
CA GLN A 107 12.26 -33.93 5.63
C GLN A 107 11.63 -34.58 6.85
N GLY A 108 11.17 -33.75 7.78
CA GLY A 108 10.54 -34.24 9.00
C GLY A 108 9.20 -34.89 8.78
N ALA A 109 8.37 -34.29 7.92
CA ALA A 109 7.12 -34.90 7.55
C ALA A 109 7.36 -36.32 7.02
N LYS A 110 8.40 -36.44 6.20
CA LYS A 110 8.81 -37.73 5.66
C LYS A 110 9.14 -38.72 6.77
N LYS A 111 10.19 -38.43 7.55
CA LYS A 111 10.65 -39.34 8.60
C LYS A 111 9.51 -39.67 9.58
N LEU A 112 8.61 -38.72 9.77
CA LEU A 112 7.45 -38.93 10.64
C LEU A 112 6.56 -40.06 10.10
N THR A 113 6.26 -39.98 8.80
CA THR A 113 5.47 -41.01 8.11
C THR A 113 6.12 -42.38 8.22
N GLU A 114 7.41 -42.43 7.92
CA GLU A 114 8.20 -43.64 8.08
C GLU A 114 8.06 -44.24 9.46
N HIS A 115 7.91 -43.38 10.47
CA HIS A 115 7.71 -43.85 11.84
C HIS A 115 6.23 -44.07 12.12
N GLY A 116 5.43 -44.05 11.07
CA GLY A 116 4.04 -44.45 11.18
C GLY A 116 3.10 -43.38 11.65
N PHE A 117 3.55 -42.13 11.64
CA PHE A 117 2.63 -41.03 11.85
C PHE A 117 2.29 -40.33 10.54
N PRO A 118 1.00 -40.31 10.18
CA PRO A 118 0.47 -39.74 8.94
C PRO A 118 0.72 -38.24 8.87
N CYS A 119 1.34 -37.80 7.78
CA CYS A 119 1.89 -36.46 7.73
C CYS A 119 1.77 -35.85 6.34
N VAL A 120 1.31 -34.60 6.28
CA VAL A 120 1.11 -33.91 5.00
C VAL A 120 1.82 -32.56 5.02
N GLY A 121 2.64 -32.30 3.99
CA GLY A 121 3.38 -31.06 3.91
C GLY A 121 2.71 -30.00 3.05
N VAL A 122 2.84 -28.73 3.44
CA VAL A 122 2.28 -27.62 2.67
C VAL A 122 3.38 -26.60 2.37
N PRO A 123 3.50 -26.22 1.09
CA PRO A 123 4.59 -25.37 0.56
C PRO A 123 4.53 -23.93 1.08
N GLY A 124 5.37 -23.62 2.07
CA GLY A 124 5.42 -22.27 2.61
C GLY A 124 6.82 -21.68 2.64
N THR A 125 7.10 -20.79 1.70
CA THR A 125 8.36 -20.06 1.71
C THR A 125 8.21 -18.91 0.74
N ILE A 126 9.06 -17.89 0.86
CA ILE A 126 8.99 -16.78 -0.08
C ILE A 126 9.79 -17.05 -1.34
N ASP A 127 10.86 -17.84 -1.24
CA ASP A 127 11.81 -17.99 -2.34
C ASP A 127 11.33 -18.90 -3.47
N ASN A 128 10.27 -19.64 -3.21
CA ASN A 128 9.59 -20.46 -4.22
C ASN A 128 10.17 -21.85 -4.49
N ASP A 129 11.27 -22.25 -3.85
CA ASP A 129 11.74 -23.61 -4.08
C ASP A 129 11.33 -24.65 -3.05
N ILE A 130 10.10 -25.09 -3.21
CA ILE A 130 9.63 -26.32 -2.63
C ILE A 130 9.06 -27.11 -3.81
N PRO A 131 9.56 -28.31 -4.04
CA PRO A 131 9.02 -29.12 -5.14
C PRO A 131 7.55 -29.45 -4.89
N GLY A 132 6.89 -30.00 -5.91
CA GLY A 132 5.51 -30.43 -5.81
C GLY A 132 4.54 -29.27 -5.96
N THR A 133 5.04 -28.16 -6.47
CA THR A 133 4.21 -26.99 -6.65
C THR A 133 4.93 -25.96 -7.50
N ASP A 134 4.19 -25.37 -8.43
CA ASP A 134 4.72 -24.31 -9.27
C ASP A 134 5.06 -23.09 -8.42
N PHE A 135 4.24 -22.87 -7.40
CA PHE A 135 4.40 -21.71 -6.53
C PHE A 135 4.21 -22.08 -5.07
N THR A 136 4.99 -21.44 -4.21
CA THR A 136 4.92 -21.67 -2.78
C THR A 136 4.14 -20.55 -2.10
N ILE A 137 3.57 -20.83 -0.93
CA ILE A 137 2.88 -19.79 -0.19
C ILE A 137 3.87 -18.75 0.31
N GLY A 138 3.65 -17.50 -0.11
CA GLY A 138 4.46 -16.37 0.31
C GLY A 138 5.15 -15.68 -0.84
N PHE A 139 5.27 -16.41 -1.95
CA PHE A 139 5.95 -15.93 -3.15
C PHE A 139 5.33 -14.66 -3.70
N ASP A 140 4.06 -14.72 -4.09
CA ASP A 140 3.39 -13.59 -4.72
C ASP A 140 3.52 -12.33 -3.87
N THR A 141 3.33 -12.50 -2.57
CA THR A 141 3.42 -11.40 -1.63
C THR A 141 4.81 -10.79 -1.64
N ALA A 142 5.83 -11.61 -1.44
CA ALA A 142 7.20 -11.12 -1.45
C ALA A 142 7.52 -10.36 -2.74
N LEU A 143 7.05 -10.87 -3.87
CA LEU A 143 7.32 -10.25 -5.16
C LEU A 143 6.77 -8.83 -5.21
N ASN A 144 5.59 -8.65 -4.65
CA ASN A 144 4.96 -7.34 -4.64
C ASN A 144 5.65 -6.42 -3.64
N THR A 145 6.30 -7.03 -2.66
CA THR A 145 7.11 -6.28 -1.72
C THR A 145 8.35 -5.78 -2.46
N VAL A 146 8.98 -6.66 -3.23
CA VAL A 146 10.18 -6.28 -3.97
C VAL A 146 9.90 -5.26 -5.06
N ILE A 147 8.78 -5.40 -5.77
CA ILE A 147 8.44 -4.41 -6.79
C ILE A 147 8.03 -3.06 -6.20
N ASP A 148 7.35 -3.07 -5.06
CA ASP A 148 7.12 -1.80 -4.36
C ASP A 148 8.47 -1.13 -4.14
N ALA A 149 9.43 -1.91 -3.65
CA ALA A 149 10.80 -1.43 -3.48
C ALA A 149 11.43 -0.99 -4.81
N ILE A 150 11.34 -1.84 -5.84
CA ILE A 150 11.89 -1.47 -7.15
C ILE A 150 11.26 -0.18 -7.66
N ASP A 151 9.95 -0.05 -7.50
CA ASP A 151 9.27 1.18 -7.87
C ASP A 151 9.86 2.43 -7.19
N LYS A 152 10.01 2.36 -5.86
CA LYS A 152 10.53 3.48 -5.10
C LYS A 152 11.96 3.83 -5.52
N ILE A 153 12.82 2.83 -5.64
CA ILE A 153 14.19 3.15 -6.03
C ILE A 153 14.25 3.66 -7.48
N ARG A 154 13.30 3.27 -8.32
CA ARG A 154 13.27 3.82 -9.67
C ARG A 154 12.96 5.31 -9.60
N ASP A 155 12.20 5.71 -8.57
CA ASP A 155 11.85 7.12 -8.40
C ASP A 155 13.08 7.96 -8.15
N THR A 156 13.97 7.47 -7.30
CA THR A 156 15.16 8.24 -6.98
C THR A 156 16.20 8.07 -8.08
N ALA A 157 16.30 6.86 -8.61
CA ALA A 157 17.23 6.55 -9.69
C ALA A 157 17.04 7.49 -10.87
N THR A 158 15.78 7.74 -11.20
CA THR A 158 15.41 8.57 -12.36
C THR A 158 15.78 10.04 -12.18
N SER A 159 15.58 10.55 -10.98
CA SER A 159 15.84 11.97 -10.70
C SER A 159 17.31 12.30 -10.67
N HIS A 160 18.12 11.29 -10.39
CA HIS A 160 19.55 11.51 -10.17
C HIS A 160 20.39 10.89 -11.27
N GLU A 161 19.73 10.33 -12.28
CA GLU A 161 20.44 9.65 -13.33
C GLU A 161 21.48 8.75 -12.69
N ARG A 162 21.02 7.83 -11.84
CA ARG A 162 21.92 6.94 -11.11
C ARG A 162 21.58 5.49 -11.36
N THR A 163 22.55 4.60 -11.16
CA THR A 163 22.36 3.18 -11.42
C THR A 163 22.35 2.37 -10.12
N TYR A 164 21.26 1.65 -9.88
CA TYR A 164 21.11 0.89 -8.63
C TYR A 164 21.29 -0.61 -8.77
N VAL A 165 22.06 -1.17 -7.86
CA VAL A 165 22.08 -2.61 -7.66
C VAL A 165 21.22 -2.92 -6.43
N ILE A 166 20.21 -3.75 -6.63
CA ILE A 166 19.31 -4.16 -5.55
C ILE A 166 19.45 -5.66 -5.29
N GLU A 167 19.89 -6.02 -4.10
CA GLU A 167 20.02 -7.44 -3.75
C GLU A 167 18.74 -7.98 -3.12
N VAL A 168 18.19 -9.04 -3.71
CA VAL A 168 16.94 -9.64 -3.22
C VAL A 168 17.20 -11.01 -2.63
N MET A 169 16.17 -11.61 -2.04
CA MET A 169 16.30 -12.92 -1.39
C MET A 169 16.07 -14.13 -2.32
N GLY A 170 16.24 -15.34 -1.78
CA GLY A 170 16.22 -16.56 -2.57
C GLY A 170 17.59 -17.21 -2.56
N ARG A 171 17.93 -17.84 -1.44
CA ARG A 171 19.31 -18.23 -1.18
C ARG A 171 19.87 -19.18 -2.22
N HIS A 172 18.99 -19.93 -2.87
CA HIS A 172 19.42 -20.85 -3.91
C HIS A 172 18.56 -20.73 -5.16
N ALA A 173 17.42 -20.09 -5.03
CA ALA A 173 16.49 -19.93 -6.14
C ALA A 173 16.46 -18.49 -6.67
N GLY A 174 16.44 -18.35 -7.99
CA GLY A 174 16.41 -17.05 -8.64
C GLY A 174 15.00 -16.59 -8.92
N ASP A 175 14.02 -17.29 -8.36
CA ASP A 175 12.63 -17.02 -8.66
C ASP A 175 12.25 -15.58 -8.45
N ILE A 176 12.53 -15.07 -7.24
CA ILE A 176 12.20 -13.70 -6.86
C ILE A 176 12.87 -12.70 -7.81
N ALA A 177 14.19 -12.78 -7.92
CA ALA A 177 14.92 -11.93 -8.86
C ALA A 177 14.33 -12.01 -10.26
N LEU A 178 14.01 -13.22 -10.72
CA LEU A 178 13.45 -13.33 -12.06
C LEU A 178 12.09 -12.66 -12.15
N TRP A 179 11.14 -13.12 -11.35
CA TRP A 179 9.78 -12.62 -11.49
C TRP A 179 9.65 -11.12 -11.23
N SER A 180 10.38 -10.61 -10.25
CA SER A 180 10.23 -9.21 -9.85
C SER A 180 10.97 -8.27 -10.81
N GLY A 181 12.18 -8.68 -11.20
CA GLY A 181 12.95 -7.93 -12.18
C GLY A 181 12.26 -7.82 -13.53
N LEU A 182 11.41 -8.79 -13.83
CA LEU A 182 10.55 -8.70 -15.00
C LEU A 182 9.47 -7.66 -14.75
N ALA A 183 8.78 -7.79 -13.62
CA ALA A 183 7.71 -6.87 -13.26
C ALA A 183 8.20 -5.46 -12.99
N GLY A 184 9.49 -5.32 -12.69
CA GLY A 184 10.05 -4.03 -12.34
C GLY A 184 10.76 -3.30 -13.47
N GLY A 185 10.80 -3.93 -14.63
CA GLY A 185 11.49 -3.38 -15.79
C GLY A 185 12.99 -3.30 -15.61
N ALA A 186 13.52 -4.08 -14.68
CA ALA A 186 14.95 -4.10 -14.41
C ALA A 186 15.73 -4.51 -15.66
N GLU A 187 16.75 -3.74 -15.99
CA GLU A 187 17.51 -3.97 -17.23
C GLU A 187 18.56 -5.06 -17.08
N THR A 188 18.79 -5.50 -15.85
CA THR A 188 19.71 -6.61 -15.63
C THR A 188 19.24 -7.44 -14.46
N ILE A 189 19.11 -8.74 -14.67
CA ILE A 189 18.70 -9.67 -13.65
C ILE A 189 19.71 -10.80 -13.60
N LEU A 190 20.24 -11.08 -12.41
CA LEU A 190 21.22 -12.14 -12.22
C LEU A 190 20.74 -13.26 -11.29
N ILE A 191 20.60 -14.46 -11.83
CA ILE A 191 20.09 -15.58 -11.06
C ILE A 191 21.04 -16.77 -11.11
N PRO A 192 20.95 -17.68 -10.13
CA PRO A 192 21.83 -18.85 -10.07
C PRO A 192 21.62 -19.84 -11.21
N GLU A 193 20.44 -19.82 -11.82
CA GLU A 193 20.07 -20.79 -12.86
C GLU A 193 20.44 -20.44 -14.31
N ALA A 194 21.18 -19.36 -14.51
CA ALA A 194 21.57 -19.01 -15.87
C ALA A 194 22.91 -18.29 -15.88
N ASP A 195 23.75 -18.63 -16.84
CA ASP A 195 25.02 -17.94 -17.04
C ASP A 195 24.82 -16.43 -17.06
N TYR A 196 25.76 -15.72 -16.46
CA TYR A 196 25.86 -14.29 -16.69
C TYR A 196 27.31 -13.94 -16.98
N ASP A 197 27.52 -12.82 -17.63
CA ASP A 197 28.85 -12.34 -17.96
C ASP A 197 28.91 -10.85 -17.61
N MET A 198 29.79 -10.48 -16.67
CA MET A 198 29.84 -9.08 -16.21
C MET A 198 30.34 -8.10 -17.28
N ASN A 199 31.09 -8.61 -18.25
CA ASN A 199 31.57 -7.78 -19.36
C ASN A 199 30.38 -7.40 -20.22
N ASP A 200 29.49 -8.37 -20.45
CA ASP A 200 28.25 -8.11 -21.14
C ASP A 200 27.40 -7.08 -20.38
N VAL A 201 27.28 -7.28 -19.07
CA VAL A 201 26.51 -6.37 -18.23
C VAL A 201 27.06 -4.94 -18.33
N ILE A 202 28.37 -4.81 -18.15
CA ILE A 202 29.03 -3.51 -18.20
C ILE A 202 28.84 -2.83 -19.54
N ALA A 203 29.14 -3.55 -20.62
CA ALA A 203 28.95 -3.01 -21.96
C ALA A 203 27.52 -2.52 -22.14
N ARG A 204 26.56 -3.38 -21.81
CA ARG A 204 25.15 -3.04 -21.93
C ARG A 204 24.85 -1.70 -21.27
N LEU A 205 25.41 -1.48 -20.07
CA LEU A 205 25.16 -0.22 -19.35
C LEU A 205 25.77 0.98 -20.07
N LYS A 206 27.02 0.84 -20.54
CA LYS A 206 27.68 1.91 -21.30
C LYS A 206 26.89 2.23 -22.56
N ARG A 207 26.25 1.21 -23.12
CA ARG A 207 25.51 1.35 -24.36
C ARG A 207 24.31 2.25 -24.16
N GLY A 208 23.55 1.98 -23.10
CA GLY A 208 22.36 2.77 -22.79
C GLY A 208 22.68 4.19 -22.37
N HIS A 209 23.80 4.36 -21.67
CA HIS A 209 24.24 5.69 -21.26
C HIS A 209 24.28 6.62 -22.47
N GLU A 210 24.83 6.11 -23.57
CA GLU A 210 24.83 6.84 -24.83
C GLU A 210 23.40 6.96 -25.33
N ARG A 211 22.76 5.82 -25.56
CA ARG A 211 21.39 5.82 -26.09
C ARG A 211 20.53 6.92 -25.48
N GLY A 212 20.79 7.25 -24.22
CA GLY A 212 20.05 8.30 -23.54
C GLY A 212 19.47 7.89 -22.20
N LYS A 213 19.71 6.66 -21.79
CA LYS A 213 19.23 6.18 -20.49
C LYS A 213 20.25 6.51 -19.41
N LYS A 214 19.90 7.43 -18.52
CA LYS A 214 20.82 7.90 -17.51
C LYS A 214 20.72 7.10 -16.21
N HIS A 215 19.57 6.46 -16.00
CA HIS A 215 19.39 5.58 -14.85
C HIS A 215 19.16 4.15 -15.29
N SER A 216 19.72 3.21 -14.54
CA SER A 216 19.46 1.80 -14.79
C SER A 216 19.34 1.09 -13.44
N ILE A 217 18.76 -0.10 -13.46
CA ILE A 217 18.65 -0.86 -12.22
C ILE A 217 18.89 -2.36 -12.40
N ILE A 218 19.89 -2.86 -11.69
CA ILE A 218 20.27 -4.26 -11.71
C ILE A 218 19.65 -5.00 -10.53
N ILE A 219 18.96 -6.10 -10.81
CA ILE A 219 18.39 -6.96 -9.77
C ILE A 219 19.29 -8.15 -9.56
N VAL A 220 19.55 -8.49 -8.30
CA VAL A 220 20.50 -9.56 -8.02
C VAL A 220 20.00 -10.45 -6.90
N ALA A 221 19.89 -11.74 -7.18
CA ALA A 221 19.60 -12.73 -6.15
C ALA A 221 20.82 -12.96 -5.26
N GLU A 222 20.60 -12.95 -3.96
CA GLU A 222 21.66 -13.18 -2.98
C GLU A 222 22.41 -14.48 -3.24
N GLY A 223 21.72 -15.44 -3.85
CA GLY A 223 22.27 -16.76 -4.14
C GLY A 223 23.37 -16.73 -5.18
N VAL A 224 23.54 -15.56 -5.80
CA VAL A 224 24.55 -15.35 -6.83
C VAL A 224 25.76 -14.61 -6.28
N GLY A 225 25.50 -13.61 -5.44
CA GLY A 225 26.57 -12.82 -4.87
C GLY A 225 26.06 -11.67 -4.02
N SER A 226 27.01 -10.86 -3.56
CA SER A 226 26.70 -9.73 -2.69
C SER A 226 26.47 -8.47 -3.51
N GLY A 227 25.28 -7.91 -3.43
CA GLY A 227 25.00 -6.69 -4.16
C GLY A 227 26.05 -5.62 -3.90
N VAL A 228 26.41 -5.44 -2.62
CA VAL A 228 27.40 -4.43 -2.24
C VAL A 228 28.78 -4.85 -2.70
N ASP A 229 28.89 -5.18 -3.99
CA ASP A 229 30.06 -5.87 -4.53
C ASP A 229 29.96 -5.89 -6.05
N PHE A 230 28.82 -6.35 -6.53
CA PHE A 230 28.50 -6.25 -7.95
C PHE A 230 28.50 -4.77 -8.29
N GLY A 231 27.90 -3.99 -7.40
CA GLY A 231 27.84 -2.55 -7.56
C GLY A 231 29.23 -1.94 -7.68
N ARG A 232 30.13 -2.39 -6.82
CA ARG A 232 31.51 -1.92 -6.86
C ARG A 232 32.12 -2.27 -8.21
N GLN A 233 31.93 -3.51 -8.63
CA GLN A 233 32.47 -3.98 -9.90
C GLN A 233 32.03 -3.11 -11.08
N ILE A 234 30.77 -2.71 -11.09
CA ILE A 234 30.19 -1.89 -12.16
C ILE A 234 30.77 -0.47 -12.21
N GLN A 235 30.80 0.21 -11.07
CA GLN A 235 31.26 1.60 -11.03
C GLN A 235 32.79 1.70 -11.03
N GLU A 236 33.45 0.71 -10.42
CA GLU A 236 34.90 0.61 -10.49
C GLU A 236 35.30 0.22 -11.91
N ALA A 237 34.37 0.41 -12.84
CA ALA A 237 34.58 0.06 -14.23
C ALA A 237 34.05 1.20 -15.07
N THR A 238 32.75 1.17 -15.34
CA THR A 238 32.07 2.34 -15.90
C THR A 238 32.23 3.49 -14.92
N GLY A 239 32.16 4.71 -15.41
CA GLY A 239 32.36 5.85 -14.52
C GLY A 239 31.13 6.24 -13.73
N PHE A 240 30.12 5.36 -13.74
CA PHE A 240 28.79 5.72 -13.23
C PHE A 240 28.65 5.68 -11.71
N GLU A 241 27.98 6.69 -11.17
CA GLU A 241 27.63 6.70 -9.75
C GLU A 241 26.66 5.55 -9.48
N THR A 242 27.14 4.55 -8.75
CA THR A 242 26.36 3.35 -8.50
C THR A 242 26.00 3.14 -7.02
N ARG A 243 24.70 3.16 -6.74
CA ARG A 243 24.21 2.91 -5.38
C ARG A 243 23.76 1.46 -5.23
N VAL A 244 23.80 0.96 -3.99
CA VAL A 244 23.44 -0.42 -3.73
C VAL A 244 22.40 -0.54 -2.61
N THR A 245 21.49 -1.48 -2.74
CA THR A 245 20.43 -1.66 -1.76
C THR A 245 20.14 -3.14 -1.54
N VAL A 246 20.28 -3.59 -0.29
CA VAL A 246 19.88 -4.95 0.07
C VAL A 246 18.56 -4.87 0.82
N LEU A 247 17.49 -5.41 0.27
CA LEU A 247 16.19 -5.24 0.92
C LEU A 247 16.05 -6.15 2.11
N GLY A 248 16.69 -7.30 2.07
CA GLY A 248 16.65 -8.22 3.19
C GLY A 248 15.24 -8.52 3.70
N HIS A 249 15.12 -8.71 5.01
CA HIS A 249 13.98 -9.42 5.58
C HIS A 249 12.61 -8.73 5.52
N VAL A 250 12.58 -7.50 5.03
CA VAL A 250 11.31 -6.86 4.79
C VAL A 250 10.51 -7.78 3.87
N GLN A 251 11.25 -8.49 3.02
CA GLN A 251 10.69 -9.46 2.08
C GLN A 251 9.88 -10.59 2.74
N ARG A 252 10.21 -10.92 3.99
CA ARG A 252 9.60 -12.05 4.69
C ARG A 252 8.26 -11.70 5.30
N GLY A 253 8.05 -10.42 5.60
CA GLY A 253 6.84 -10.02 6.30
C GLY A 253 5.80 -9.38 5.41
N GLY A 254 4.65 -9.08 5.98
CA GLY A 254 3.62 -8.36 5.25
C GLY A 254 2.30 -9.08 5.21
N SER A 255 1.23 -8.37 4.88
CA SER A 255 -0.08 -8.99 4.67
C SER A 255 -0.08 -9.68 3.31
N PRO A 256 -0.48 -10.96 3.30
CA PRO A 256 -0.35 -11.76 2.08
C PRO A 256 -1.30 -11.23 1.01
N THR A 257 -0.83 -11.13 -0.23
CA THR A 257 -1.69 -10.73 -1.33
C THR A 257 -2.85 -11.69 -1.57
N ALA A 258 -3.74 -11.35 -2.49
CA ALA A 258 -4.90 -12.19 -2.75
C ALA A 258 -4.51 -13.59 -3.22
N PHE A 259 -3.56 -13.65 -4.15
CA PHE A 259 -3.08 -14.93 -4.68
C PHE A 259 -2.59 -15.83 -3.55
N ASP A 260 -1.78 -15.28 -2.64
CA ASP A 260 -1.24 -16.05 -1.53
C ASP A 260 -2.32 -16.52 -0.57
N ARG A 261 -3.26 -15.63 -0.24
CA ARG A 261 -4.36 -15.98 0.65
C ARG A 261 -5.19 -17.11 0.07
N VAL A 262 -5.55 -16.99 -1.21
CA VAL A 262 -6.32 -18.02 -1.90
C VAL A 262 -5.54 -19.32 -1.99
N LEU A 263 -4.24 -19.24 -2.31
CA LEU A 263 -3.42 -20.44 -2.45
C LEU A 263 -3.33 -21.15 -1.13
N ALA A 264 -3.17 -20.38 -0.06
CA ALA A 264 -3.04 -20.95 1.26
C ALA A 264 -4.32 -21.62 1.71
N SER A 265 -5.46 -20.99 1.43
CA SER A 265 -6.74 -21.58 1.82
C SER A 265 -6.96 -22.90 1.11
N ARG A 266 -6.44 -23.02 -0.09
CA ARG A 266 -6.67 -24.19 -0.92
C ARG A 266 -5.77 -25.35 -0.55
N LEU A 267 -4.47 -25.08 -0.49
CA LEU A 267 -3.50 -26.08 -0.10
C LEU A 267 -3.80 -26.61 1.29
N GLY A 268 -4.20 -25.71 2.18
CA GLY A 268 -4.51 -26.09 3.55
C GLY A 268 -5.64 -27.08 3.60
N ALA A 269 -6.72 -26.77 2.87
CA ALA A 269 -7.89 -27.64 2.85
C ALA A 269 -7.54 -28.99 2.21
N ARG A 270 -6.77 -28.94 1.13
CA ARG A 270 -6.37 -30.15 0.44
C ARG A 270 -5.56 -31.03 1.38
N ALA A 271 -4.70 -30.40 2.17
CA ALA A 271 -3.81 -31.13 3.06
C ALA A 271 -4.62 -31.90 4.12
N VAL A 272 -5.69 -31.27 4.58
CA VAL A 272 -6.56 -31.90 5.57
C VAL A 272 -7.33 -33.07 4.96
N GLU A 273 -7.76 -32.90 3.71
CA GLU A 273 -8.47 -33.98 3.01
C GLU A 273 -7.61 -35.24 2.86
N LEU A 274 -6.36 -35.05 2.49
CA LEU A 274 -5.43 -36.17 2.40
C LEU A 274 -5.40 -36.94 3.70
N LEU A 275 -5.15 -36.24 4.80
CA LEU A 275 -5.05 -36.87 6.10
C LEU A 275 -6.29 -37.69 6.42
N LEU A 276 -7.47 -37.14 6.12
CA LEU A 276 -8.73 -37.82 6.41
C LEU A 276 -8.96 -39.01 5.49
N GLU A 277 -8.50 -38.90 4.25
CA GLU A 277 -8.61 -40.00 3.29
C GLU A 277 -7.61 -41.11 3.63
N GLY A 278 -6.91 -40.95 4.75
CA GLY A 278 -5.97 -41.94 5.22
C GLY A 278 -4.61 -41.86 4.57
N LYS A 279 -4.49 -41.03 3.53
CA LYS A 279 -3.21 -40.89 2.85
C LYS A 279 -2.20 -40.15 3.75
N GLY A 280 -0.92 -40.25 3.42
CA GLY A 280 0.12 -39.72 4.28
C GLY A 280 1.50 -39.78 3.67
N GLY A 281 2.39 -38.90 4.10
CA GLY A 281 3.70 -38.76 3.49
C GLY A 281 3.62 -38.00 2.18
N ARG A 282 2.52 -37.26 2.01
CA ARG A 282 2.31 -36.49 0.79
C ARG A 282 2.64 -35.02 1.02
N CYS A 283 2.63 -34.23 -0.04
CA CYS A 283 2.70 -32.77 0.02
C CYS A 283 1.84 -32.18 -1.10
N VAL A 284 1.08 -31.13 -0.79
CA VAL A 284 0.22 -30.56 -1.81
C VAL A 284 0.91 -29.44 -2.56
N GLY A 285 0.23 -28.89 -3.55
CA GLY A 285 0.79 -27.86 -4.39
C GLY A 285 -0.12 -27.47 -5.54
N ILE A 286 0.18 -26.34 -6.17
CA ILE A 286 -0.50 -25.96 -7.40
C ILE A 286 0.45 -26.25 -8.56
N GLN A 287 -0.03 -27.02 -9.54
CA GLN A 287 0.75 -27.34 -10.74
C GLN A 287 -0.13 -27.26 -11.97
N ASN A 288 0.30 -26.47 -12.95
CA ASN A 288 -0.52 -26.18 -14.12
C ASN A 288 -1.95 -25.79 -13.72
N ASN A 289 -2.06 -24.83 -12.80
CA ASN A 289 -3.34 -24.32 -12.32
C ASN A 289 -4.28 -25.41 -11.81
N GLN A 290 -3.71 -26.52 -11.38
CA GLN A 290 -4.52 -27.60 -10.82
C GLN A 290 -3.83 -28.10 -9.56
N LEU A 291 -4.60 -28.44 -8.55
CA LEU A 291 -3.98 -28.97 -7.33
C LEU A 291 -3.66 -30.45 -7.41
N VAL A 292 -2.52 -30.78 -6.82
CA VAL A 292 -1.92 -32.08 -6.96
C VAL A 292 -1.34 -32.44 -5.61
N ASP A 293 -1.20 -33.73 -5.33
CA ASP A 293 -0.43 -34.13 -4.18
C ASP A 293 0.57 -35.17 -4.64
N HIS A 294 1.78 -35.09 -4.10
CA HIS A 294 2.83 -36.00 -4.51
C HIS A 294 3.42 -36.70 -3.30
N ASP A 295 4.04 -37.84 -3.56
CA ASP A 295 4.85 -38.52 -2.57
C ASP A 295 6.04 -37.62 -2.23
N ILE A 296 6.17 -37.24 -0.96
CA ILE A 296 7.28 -36.40 -0.52
C ILE A 296 8.64 -36.94 -0.99
N ALA A 297 8.87 -38.23 -0.80
CA ALA A 297 10.11 -38.86 -1.24
C ALA A 297 10.51 -38.50 -2.67
N GLU A 298 9.56 -38.56 -3.59
CA GLU A 298 9.87 -38.24 -4.98
C GLU A 298 10.09 -36.75 -5.15
N ALA A 299 9.13 -35.97 -4.69
CA ALA A 299 9.18 -34.51 -4.79
C ALA A 299 10.55 -33.98 -4.39
N LEU A 300 11.07 -34.48 -3.28
CA LEU A 300 12.36 -34.02 -2.75
C LEU A 300 13.56 -34.22 -3.67
N ALA A 301 13.39 -34.98 -4.75
CA ALA A 301 14.50 -35.27 -5.65
C ALA A 301 14.53 -34.41 -6.92
N ASN A 302 13.44 -33.69 -7.18
CA ASN A 302 13.32 -32.86 -8.37
C ASN A 302 14.06 -31.52 -8.26
N LYS A 303 15.14 -31.36 -9.01
CA LYS A 303 15.86 -30.09 -9.02
C LYS A 303 14.90 -28.95 -9.32
N HIS A 304 15.03 -27.87 -8.56
CA HIS A 304 14.23 -26.68 -8.81
C HIS A 304 14.69 -25.98 -10.09
N THR A 305 13.73 -25.52 -10.90
CA THR A 305 14.06 -24.81 -12.13
C THR A 305 13.25 -23.54 -12.30
N ILE A 306 13.75 -22.66 -13.14
CA ILE A 306 13.00 -21.45 -13.47
C ILE A 306 12.65 -21.47 -14.94
N ASP A 307 11.62 -20.70 -15.30
CA ASP A 307 11.16 -20.56 -16.68
C ASP A 307 12.19 -19.82 -17.54
N GLN A 308 13.08 -20.56 -18.20
CA GLN A 308 14.15 -19.96 -18.99
C GLN A 308 13.63 -19.08 -20.12
N ARG A 309 12.40 -19.33 -20.57
CA ARG A 309 11.86 -18.55 -21.67
C ARG A 309 11.48 -17.16 -21.18
N MET A 310 11.18 -17.06 -19.90
CA MET A 310 10.88 -15.78 -19.29
C MET A 310 12.15 -14.98 -19.03
N TYR A 311 13.16 -15.66 -18.48
CA TYR A 311 14.44 -15.01 -18.30
C TYR A 311 14.84 -14.40 -19.62
N ALA A 312 14.77 -15.23 -20.66
CA ALA A 312 15.02 -14.77 -22.02
C ALA A 312 14.18 -13.53 -22.32
N LEU A 313 12.87 -13.63 -22.08
CA LEU A 313 11.99 -12.52 -22.38
C LEU A 313 12.54 -11.24 -21.78
N SER A 314 12.94 -11.31 -20.52
CA SER A 314 13.41 -10.14 -19.80
C SER A 314 14.67 -9.55 -20.42
N LYS A 315 15.45 -10.40 -21.09
CA LYS A 315 16.63 -9.96 -21.82
C LYS A 315 16.24 -9.17 -23.06
N GLU A 316 15.35 -9.74 -23.86
CA GLU A 316 14.88 -9.09 -25.07
C GLU A 316 14.27 -7.73 -24.73
N LEU A 317 13.39 -7.72 -23.75
CA LEU A 317 12.70 -6.50 -23.36
C LEU A 317 13.65 -5.45 -22.78
N SER A 318 14.92 -5.80 -22.61
CA SER A 318 15.86 -4.96 -21.87
C SER A 318 16.92 -4.20 -22.66
N ILE A 319 17.61 -4.87 -23.59
CA ILE A 319 18.83 -4.32 -24.22
C ILE A 319 19.03 -2.82 -23.98
N MET B 1 7.28 -8.98 -41.64
CA MET B 1 6.73 -7.69 -41.18
C MET B 1 7.82 -6.71 -40.77
N LYS B 2 7.55 -5.43 -40.98
CA LYS B 2 8.47 -4.36 -40.58
C LYS B 2 7.72 -3.32 -39.76
N ARG B 3 6.40 -3.45 -39.70
CA ARG B 3 5.62 -2.47 -38.97
C ARG B 3 4.24 -2.97 -38.55
N ILE B 4 4.00 -2.96 -37.25
CA ILE B 4 2.69 -3.30 -36.70
C ILE B 4 2.15 -2.14 -35.87
N GLY B 5 0.93 -2.32 -35.38
CA GLY B 5 0.29 -1.34 -34.52
C GLY B 5 -0.23 -2.00 -33.26
N VAL B 6 -0.61 -1.17 -32.29
CA VAL B 6 -1.20 -1.67 -31.04
C VAL B 6 -2.26 -0.71 -30.56
N LEU B 7 -3.33 -1.23 -29.97
CA LEU B 7 -4.35 -0.39 -29.39
C LEU B 7 -4.96 -1.04 -28.16
N THR B 8 -5.77 -0.26 -27.44
CA THR B 8 -6.48 -0.77 -26.27
C THR B 8 -7.96 -0.41 -26.34
N SER B 9 -8.81 -1.43 -26.23
CA SER B 9 -10.25 -1.27 -26.40
C SER B 9 -11.02 -1.86 -25.22
N GLY B 10 -12.20 -1.32 -24.97
CA GLY B 10 -13.01 -1.77 -23.85
C GLY B 10 -12.57 -1.10 -22.57
N GLY B 11 -13.11 -1.54 -21.45
CA GLY B 11 -12.77 -0.98 -20.15
C GLY B 11 -11.29 -1.08 -19.84
N ASP B 12 -10.70 0.05 -19.43
CA ASP B 12 -9.28 0.07 -19.11
C ASP B 12 -8.95 -0.87 -17.95
N SER B 13 -7.67 -1.24 -17.86
CA SER B 13 -7.25 -2.30 -16.93
C SER B 13 -5.80 -2.15 -16.44
N PRO B 14 -5.56 -2.39 -15.14
CA PRO B 14 -4.21 -2.20 -14.61
C PRO B 14 -3.24 -3.23 -15.18
N GLY B 15 -2.15 -2.76 -15.78
CA GLY B 15 -1.18 -3.64 -16.40
C GLY B 15 -1.25 -3.63 -17.92
N MET B 16 -2.12 -2.78 -18.46
CA MET B 16 -2.19 -2.62 -19.90
C MET B 16 -0.90 -2.00 -20.42
N ASN B 17 -0.45 -0.93 -19.76
CA ASN B 17 0.78 -0.27 -20.16
C ASN B 17 1.95 -1.25 -20.06
N ALA B 18 1.82 -2.23 -19.19
CA ALA B 18 2.81 -3.29 -19.12
C ALA B 18 2.74 -4.06 -20.41
N ALA B 19 1.52 -4.40 -20.80
CA ALA B 19 1.26 -5.12 -22.04
C ALA B 19 1.76 -4.30 -23.23
N ILE B 20 1.46 -3.01 -23.20
CA ILE B 20 1.91 -2.07 -24.24
C ILE B 20 3.44 -1.96 -24.23
N ARG B 21 4.01 -1.68 -23.07
CA ARG B 21 5.47 -1.64 -22.96
C ARG B 21 6.07 -2.85 -23.64
N SER B 22 5.52 -4.02 -23.34
CA SER B 22 6.03 -5.28 -23.86
C SER B 22 5.88 -5.40 -25.37
N VAL B 23 4.69 -5.13 -25.88
CA VAL B 23 4.46 -5.09 -27.32
C VAL B 23 5.51 -4.23 -28.02
N VAL B 24 5.79 -3.05 -27.48
CA VAL B 24 6.73 -2.14 -28.11
C VAL B 24 8.20 -2.53 -27.96
N ARG B 25 8.65 -2.87 -26.74
CA ARG B 25 10.05 -3.29 -26.60
C ARG B 25 10.29 -4.57 -27.40
N LYS B 26 9.32 -5.47 -27.40
CA LYS B 26 9.47 -6.76 -28.07
C LYS B 26 9.67 -6.60 -29.58
N ALA B 27 8.82 -5.79 -30.20
CA ALA B 27 8.97 -5.47 -31.61
C ALA B 27 10.35 -4.87 -31.90
N ILE B 28 10.77 -3.91 -31.08
CA ILE B 28 12.09 -3.29 -31.23
C ILE B 28 13.21 -4.33 -31.18
N TYR B 29 12.99 -5.41 -30.44
CA TYR B 29 13.99 -6.47 -30.38
C TYR B 29 14.19 -7.13 -31.73
N HIS B 30 13.10 -7.31 -32.47
CA HIS B 30 13.15 -8.01 -33.75
C HIS B 30 13.28 -7.03 -34.90
N GLY B 31 13.62 -5.79 -34.55
CA GLY B 31 13.82 -4.74 -35.53
C GLY B 31 12.54 -4.22 -36.15
N VAL B 32 11.41 -4.46 -35.49
CA VAL B 32 10.10 -4.06 -36.00
C VAL B 32 9.60 -2.78 -35.34
N GLU B 33 8.96 -1.91 -36.13
CA GLU B 33 8.40 -0.67 -35.60
C GLU B 33 6.97 -0.88 -35.10
N VAL B 34 6.60 -0.11 -34.08
CA VAL B 34 5.25 -0.16 -33.54
C VAL B 34 4.59 1.20 -33.66
N TYR B 35 3.42 1.24 -34.30
CA TYR B 35 2.61 2.46 -34.32
C TYR B 35 1.44 2.34 -33.34
N GLY B 36 1.29 3.34 -32.48
CA GLY B 36 0.20 3.34 -31.54
C GLY B 36 -1.06 3.93 -32.13
N VAL B 37 -2.19 3.25 -31.90
CA VAL B 37 -3.50 3.77 -32.25
C VAL B 37 -4.17 4.23 -30.97
N TYR B 38 -4.58 5.49 -30.92
CA TYR B 38 -5.13 6.04 -29.69
C TYR B 38 -6.65 5.99 -29.68
N HIS B 39 -7.21 5.73 -28.50
CA HIS B 39 -8.64 5.80 -28.32
C HIS B 39 -9.33 4.61 -28.96
N GLY B 40 -8.74 3.43 -28.81
CA GLY B 40 -9.34 2.19 -29.26
C GLY B 40 -9.73 2.19 -30.73
N TYR B 41 -10.90 1.62 -31.02
CA TYR B 41 -11.35 1.53 -32.41
C TYR B 41 -11.80 2.86 -33.01
N ALA B 42 -12.37 3.75 -32.19
CA ALA B 42 -12.72 5.10 -32.64
C ALA B 42 -11.48 5.80 -33.21
N GLY B 43 -10.35 5.57 -32.57
CA GLY B 43 -9.08 6.14 -33.02
C GLY B 43 -8.59 5.53 -34.31
N LEU B 44 -8.84 4.23 -34.50
CA LEU B 44 -8.43 3.54 -35.72
C LEU B 44 -9.20 4.08 -36.93
N ILE B 45 -10.52 4.18 -36.78
CA ILE B 45 -11.34 4.79 -37.82
C ILE B 45 -10.85 6.20 -38.15
N ALA B 46 -10.61 7.01 -37.12
CA ALA B 46 -10.20 8.40 -37.32
C ALA B 46 -8.72 8.57 -37.69
N GLY B 47 -7.97 7.46 -37.66
CA GLY B 47 -6.54 7.48 -37.94
C GLY B 47 -5.74 8.29 -36.94
N ASN B 48 -6.08 8.17 -35.66
CA ASN B 48 -5.25 8.74 -34.61
C ASN B 48 -4.08 7.80 -34.38
N ILE B 49 -2.94 8.12 -34.96
CA ILE B 49 -1.84 7.15 -35.06
C ILE B 49 -0.46 7.82 -35.00
N LYS B 50 0.44 7.25 -34.20
CA LYS B 50 1.72 7.89 -33.95
C LYS B 50 2.80 6.87 -33.60
N LYS B 51 3.95 6.97 -34.25
CA LYS B 51 5.02 6.03 -33.97
C LYS B 51 5.36 6.07 -32.50
N LEU B 52 5.41 4.89 -31.88
CA LEU B 52 5.82 4.78 -30.50
C LEU B 52 7.33 4.56 -30.41
N GLU B 53 8.00 5.44 -29.67
CA GLU B 53 9.44 5.32 -29.45
C GLU B 53 9.68 4.69 -28.07
N VAL B 54 10.94 4.58 -27.67
CA VAL B 54 11.35 3.60 -26.65
C VAL B 54 11.38 3.93 -25.14
N GLY B 55 11.31 5.18 -24.71
CA GLY B 55 10.82 6.30 -25.47
C GLY B 55 9.53 6.64 -24.76
N ASP B 56 8.44 6.04 -25.24
CA ASP B 56 7.13 6.28 -24.66
C ASP B 56 6.67 5.09 -23.84
N VAL B 57 7.40 3.97 -23.94
CA VAL B 57 7.05 2.79 -23.14
C VAL B 57 7.81 2.80 -21.82
N GLY B 58 8.38 3.94 -21.51
CA GLY B 58 8.64 4.30 -20.13
C GLY B 58 10.07 4.25 -19.66
N ASP B 59 10.20 3.99 -18.36
CA ASP B 59 9.16 3.27 -17.65
C ASP B 59 7.74 3.86 -17.43
N ILE B 60 6.79 3.03 -17.82
CA ILE B 60 5.35 3.18 -17.63
C ILE B 60 4.82 1.82 -17.15
N ILE B 61 5.73 0.93 -16.77
CA ILE B 61 5.37 -0.43 -16.44
C ILE B 61 4.51 -0.52 -15.18
N HIS B 62 4.64 0.48 -14.31
CA HIS B 62 3.93 0.50 -13.04
C HIS B 62 2.64 1.27 -13.17
N ARG B 63 2.49 1.97 -14.27
CA ARG B 63 1.36 2.88 -14.43
C ARG B 63 0.07 2.15 -14.80
N GLY B 64 -1.00 2.49 -14.10
CA GLY B 64 -2.32 1.97 -14.41
C GLY B 64 -2.88 2.73 -15.60
N GLY B 65 -4.10 2.38 -15.98
CA GLY B 65 -4.74 2.98 -17.13
C GLY B 65 -4.06 2.54 -18.41
N THR B 66 -4.25 3.28 -19.49
CA THR B 66 -3.67 2.93 -20.78
C THR B 66 -3.20 4.19 -21.46
N ILE B 67 -1.92 4.28 -21.79
CA ILE B 67 -1.41 5.51 -22.39
C ILE B 67 -2.01 5.74 -23.78
N LEU B 68 -2.60 4.70 -24.35
CA LEU B 68 -3.28 4.80 -25.65
C LEU B 68 -4.76 5.14 -25.52
N TYR B 69 -5.25 5.25 -24.29
CA TYR B 69 -6.66 5.56 -24.05
C TYR B 69 -7.57 4.50 -24.66
N THR B 70 -8.86 4.73 -24.58
CA THR B 70 -9.83 3.76 -25.05
C THR B 70 -11.19 4.44 -25.13
N ALA B 71 -12.05 3.94 -26.01
CA ALA B 71 -13.36 4.56 -26.27
C ALA B 71 -14.25 3.65 -27.11
N ARG B 72 -15.56 3.70 -26.86
CA ARG B 72 -16.50 2.85 -27.58
C ARG B 72 -16.57 3.23 -29.05
N CYS B 73 -16.86 2.26 -29.90
CA CYS B 73 -16.99 2.54 -31.32
C CYS B 73 -18.08 1.70 -31.97
N PRO B 74 -19.32 2.20 -31.92
CA PRO B 74 -20.47 1.54 -32.53
C PRO B 74 -20.20 1.34 -34.02
N GLU B 75 -19.60 2.35 -34.64
CA GLU B 75 -19.37 2.37 -36.07
C GLU B 75 -18.56 1.17 -36.57
N PHE B 76 -17.50 0.83 -35.84
CA PHE B 76 -16.62 -0.26 -36.24
C PHE B 76 -17.35 -1.60 -36.29
N LYS B 77 -18.58 -1.62 -35.77
CA LYS B 77 -19.41 -2.82 -35.79
C LYS B 77 -20.09 -2.98 -37.15
N THR B 78 -19.68 -2.17 -38.13
CA THR B 78 -20.29 -2.19 -39.45
C THR B 78 -19.28 -2.18 -40.60
N GLU B 79 -19.66 -2.82 -41.71
CA GLU B 79 -18.79 -2.98 -42.88
C GLU B 79 -18.00 -1.71 -43.25
N GLU B 80 -18.70 -0.61 -43.48
CA GLU B 80 -18.06 0.61 -43.93
C GLU B 80 -17.05 1.10 -42.91
N GLY B 81 -17.38 0.95 -41.62
CA GLY B 81 -16.50 1.35 -40.55
C GLY B 81 -15.14 0.68 -40.64
N GLN B 82 -15.16 -0.64 -40.78
CA GLN B 82 -13.94 -1.44 -40.92
C GLN B 82 -13.17 -1.05 -42.17
N LYS B 83 -13.89 -0.71 -43.22
CA LYS B 83 -13.27 -0.23 -44.44
C LYS B 83 -12.38 0.96 -44.10
N LYS B 84 -12.89 1.85 -43.27
CA LYS B 84 -12.14 3.02 -42.84
C LYS B 84 -10.97 2.59 -41.95
N GLY B 85 -11.21 1.57 -41.14
CA GLY B 85 -10.18 1.01 -40.29
C GLY B 85 -8.97 0.58 -41.10
N ILE B 86 -9.23 -0.25 -42.12
CA ILE B 86 -8.17 -0.75 -42.98
C ILE B 86 -7.53 0.38 -43.78
N GLU B 87 -8.35 1.23 -44.36
CA GLU B 87 -7.85 2.37 -45.11
C GLU B 87 -6.78 3.07 -44.27
N GLN B 88 -7.12 3.35 -43.01
CA GLN B 88 -6.21 4.02 -42.11
C GLN B 88 -5.00 3.14 -41.78
N LEU B 89 -5.25 1.86 -41.57
CA LEU B 89 -4.18 0.89 -41.32
C LEU B 89 -3.13 0.92 -42.41
N LYS B 90 -3.61 0.87 -43.66
CA LYS B 90 -2.74 0.82 -44.82
C LYS B 90 -2.08 2.18 -45.07
N LYS B 91 -2.82 3.25 -44.81
CA LYS B 91 -2.33 4.61 -45.01
C LYS B 91 -1.06 4.83 -44.21
N HIS B 92 -0.82 3.97 -43.22
CA HIS B 92 0.34 4.08 -42.34
C HIS B 92 1.35 2.93 -42.51
N GLY B 93 1.00 1.95 -43.35
CA GLY B 93 1.88 0.82 -43.58
C GLY B 93 1.91 -0.16 -42.43
N ILE B 94 0.89 -0.11 -41.58
CA ILE B 94 0.77 -1.03 -40.47
C ILE B 94 0.27 -2.37 -40.97
N GLU B 95 1.14 -3.38 -40.94
CA GLU B 95 0.87 -4.69 -41.53
C GLU B 95 0.14 -5.63 -40.60
N GLY B 96 0.20 -5.34 -39.29
CA GLY B 96 -0.40 -6.18 -38.29
C GLY B 96 -0.83 -5.39 -37.08
N LEU B 97 -1.79 -5.91 -36.32
CA LEU B 97 -2.37 -5.19 -35.21
C LEU B 97 -2.50 -6.07 -33.98
N VAL B 98 -2.00 -5.57 -32.85
CA VAL B 98 -2.17 -6.19 -31.54
C VAL B 98 -3.30 -5.45 -30.85
N VAL B 99 -4.35 -6.16 -30.45
CA VAL B 99 -5.47 -5.54 -29.76
C VAL B 99 -5.48 -5.95 -28.29
N ILE B 100 -5.48 -4.96 -27.41
CA ILE B 100 -5.45 -5.21 -25.97
C ILE B 100 -6.72 -4.73 -25.29
N GLY B 101 -7.50 -5.67 -24.76
CA GLY B 101 -8.71 -5.32 -24.03
C GLY B 101 -9.71 -6.46 -23.88
N GLY B 102 -10.96 -6.10 -23.63
CA GLY B 102 -12.02 -7.07 -23.54
C GLY B 102 -13.34 -6.52 -24.04
N ASP B 103 -14.44 -7.21 -23.71
CA ASP B 103 -15.79 -6.79 -24.07
C ASP B 103 -15.96 -6.50 -25.56
N GLY B 104 -15.49 -7.41 -26.41
CA GLY B 104 -15.69 -7.29 -27.85
C GLY B 104 -14.55 -6.62 -28.60
N SER B 105 -13.43 -6.43 -27.93
CA SER B 105 -12.21 -6.00 -28.62
C SER B 105 -11.86 -7.10 -29.59
N TYR B 106 -12.04 -8.33 -29.12
CA TYR B 106 -11.78 -9.53 -29.88
C TYR B 106 -12.61 -9.56 -31.15
N GLN B 107 -13.90 -9.21 -31.02
CA GLN B 107 -14.80 -9.10 -32.16
C GLN B 107 -14.13 -8.41 -33.35
N GLY B 108 -13.52 -7.26 -33.11
CA GLY B 108 -12.85 -6.51 -34.15
C GLY B 108 -11.58 -7.18 -34.64
N ALA B 109 -10.91 -7.89 -33.75
CA ALA B 109 -9.70 -8.63 -34.12
C ALA B 109 -10.03 -9.73 -35.13
N LYS B 110 -11.21 -10.33 -34.98
CA LYS B 110 -11.69 -11.35 -35.89
C LYS B 110 -12.10 -10.72 -37.23
N LYS B 111 -13.11 -9.87 -37.19
CA LYS B 111 -13.59 -9.19 -38.39
C LYS B 111 -12.42 -8.68 -39.23
N LEU B 112 -11.47 -8.03 -38.56
CA LEU B 112 -10.31 -7.46 -39.23
C LEU B 112 -9.48 -8.54 -39.91
N THR B 113 -9.30 -9.66 -39.22
CA THR B 113 -8.59 -10.79 -39.80
C THR B 113 -9.35 -11.36 -41.00
N GLU B 114 -10.68 -11.49 -40.85
CA GLU B 114 -11.56 -11.90 -41.94
C GLU B 114 -11.36 -11.06 -43.21
N HIS B 115 -11.24 -9.74 -43.05
CA HIS B 115 -10.98 -8.86 -44.18
C HIS B 115 -9.52 -8.87 -44.59
N GLY B 116 -8.83 -9.95 -44.22
CA GLY B 116 -7.46 -10.16 -44.64
C GLY B 116 -6.44 -9.29 -43.93
N PHE B 117 -6.69 -9.00 -42.66
CA PHE B 117 -5.72 -8.27 -41.86
C PHE B 117 -5.38 -8.98 -40.54
N PRO B 118 -4.08 -9.31 -40.37
CA PRO B 118 -3.63 -10.11 -39.23
C PRO B 118 -3.75 -9.33 -37.91
N CYS B 119 -4.45 -9.93 -36.97
CA CYS B 119 -4.69 -9.35 -35.66
C CYS B 119 -4.50 -10.39 -34.57
N VAL B 120 -3.80 -10.02 -33.51
CA VAL B 120 -3.72 -10.85 -32.30
C VAL B 120 -4.43 -10.12 -31.18
N GLY B 121 -5.15 -10.86 -30.33
CA GLY B 121 -5.84 -10.25 -29.21
C GLY B 121 -5.20 -10.58 -27.87
N VAL B 122 -5.17 -9.60 -26.97
CA VAL B 122 -4.60 -9.78 -25.64
C VAL B 122 -5.65 -9.48 -24.54
N PRO B 123 -5.81 -10.42 -23.58
CA PRO B 123 -6.90 -10.35 -22.60
C PRO B 123 -6.67 -9.25 -21.58
N GLY B 124 -7.51 -8.21 -21.61
CA GLY B 124 -7.33 -7.04 -20.76
C GLY B 124 -8.63 -6.55 -20.15
N THR B 125 -8.90 -7.02 -18.94
CA THR B 125 -10.10 -6.64 -18.23
C THR B 125 -9.87 -7.06 -16.79
N ILE B 126 -10.49 -6.37 -15.84
CA ILE B 126 -10.36 -6.76 -14.44
C ILE B 126 -11.26 -7.94 -14.10
N ASP B 127 -12.36 -8.09 -14.83
CA ASP B 127 -13.37 -9.08 -14.43
C ASP B 127 -13.03 -10.52 -14.80
N ASN B 128 -11.97 -10.71 -15.58
CA ASN B 128 -11.49 -12.05 -15.92
C ASN B 128 -12.42 -12.74 -16.91
N ASP B 129 -13.32 -11.97 -17.50
CA ASP B 129 -14.38 -12.48 -18.36
C ASP B 129 -13.93 -12.54 -19.83
N ILE B 130 -12.81 -13.22 -20.08
CA ILE B 130 -12.33 -13.39 -21.45
C ILE B 130 -11.84 -14.83 -21.69
N PRO B 131 -12.41 -15.49 -22.69
CA PRO B 131 -12.05 -16.87 -23.02
C PRO B 131 -10.61 -16.98 -23.54
N GLY B 132 -10.12 -18.20 -23.70
CA GLY B 132 -8.78 -18.43 -24.19
C GLY B 132 -7.71 -18.13 -23.15
N THR B 133 -8.14 -17.87 -21.92
CA THR B 133 -7.21 -17.61 -20.83
C THR B 133 -7.86 -17.84 -19.49
N ASP B 134 -7.05 -18.25 -18.53
CA ASP B 134 -7.51 -18.49 -17.17
C ASP B 134 -7.64 -17.15 -16.46
N PHE B 135 -6.64 -16.30 -16.66
CA PHE B 135 -6.61 -14.99 -16.02
C PHE B 135 -6.37 -13.90 -17.05
N THR B 136 -7.10 -12.82 -16.91
CA THR B 136 -6.97 -11.70 -17.82
C THR B 136 -6.05 -10.68 -17.17
N ILE B 137 -5.36 -9.89 -17.98
CA ILE B 137 -4.55 -8.79 -17.45
C ILE B 137 -5.45 -7.79 -16.71
N GLY B 138 -5.28 -7.70 -15.39
CA GLY B 138 -6.03 -6.74 -14.61
C GLY B 138 -6.77 -7.36 -13.46
N PHE B 139 -6.85 -8.68 -13.45
CA PHE B 139 -7.64 -9.40 -12.45
C PHE B 139 -6.99 -9.41 -11.07
N ASP B 140 -5.70 -9.74 -11.04
CA ASP B 140 -4.97 -9.85 -9.79
C ASP B 140 -4.94 -8.52 -9.04
N THR B 141 -4.68 -7.45 -9.79
CA THR B 141 -4.62 -6.12 -9.24
C THR B 141 -5.97 -5.72 -8.68
N ALA B 142 -7.02 -6.11 -9.39
CA ALA B 142 -8.38 -5.82 -8.95
C ALA B 142 -8.70 -6.53 -7.64
N LEU B 143 -8.36 -7.82 -7.59
CA LEU B 143 -8.62 -8.64 -6.40
C LEU B 143 -7.95 -8.06 -5.16
N ASN B 144 -6.70 -7.63 -5.32
CA ASN B 144 -5.96 -7.05 -4.22
C ASN B 144 -6.56 -5.71 -3.82
N THR B 145 -7.12 -5.00 -4.79
CA THR B 145 -7.84 -3.78 -4.48
C THR B 145 -9.04 -4.15 -3.62
N VAL B 146 -9.80 -5.14 -4.05
CA VAL B 146 -10.96 -5.57 -3.28
C VAL B 146 -10.62 -6.06 -1.86
N ILE B 147 -9.59 -6.87 -1.68
CA ILE B 147 -9.30 -7.32 -0.31
C ILE B 147 -8.75 -6.23 0.60
N ASP B 148 -7.99 -5.28 0.07
CA ASP B 148 -7.57 -4.15 0.89
C ASP B 148 -8.82 -3.52 1.50
N ALA B 149 -9.79 -3.21 0.66
CA ALA B 149 -11.08 -2.70 1.11
C ALA B 149 -11.76 -3.62 2.13
N ILE B 150 -11.85 -4.91 1.82
CA ILE B 150 -12.46 -5.84 2.76
C ILE B 150 -11.75 -5.83 4.12
N ASP B 151 -10.43 -5.73 4.08
CA ASP B 151 -9.63 -5.67 5.29
C ASP B 151 -9.98 -4.43 6.11
N LYS B 152 -10.07 -3.30 5.42
CA LYS B 152 -10.44 -2.07 6.08
C LYS B 152 -11.86 -2.16 6.62
N ILE B 153 -12.79 -2.71 5.83
CA ILE B 153 -14.17 -2.81 6.28
C ILE B 153 -14.29 -3.82 7.43
N ARG B 154 -13.43 -4.82 7.42
CA ARG B 154 -13.35 -5.75 8.53
C ARG B 154 -12.93 -5.05 9.82
N ASP B 155 -12.07 -4.04 9.72
CA ASP B 155 -11.62 -3.29 10.89
C ASP B 155 -12.78 -2.59 11.58
N THR B 156 -13.59 -1.90 10.79
CA THR B 156 -14.67 -1.11 11.35
C THR B 156 -15.87 -1.96 11.78
N ALA B 157 -16.12 -3.04 11.04
CA ALA B 157 -17.21 -3.98 11.34
C ALA B 157 -16.96 -4.71 12.65
N THR B 158 -15.69 -5.00 12.89
CA THR B 158 -15.27 -5.69 14.09
C THR B 158 -15.46 -4.82 15.33
N SER B 159 -15.06 -3.55 15.22
CA SER B 159 -15.17 -2.59 16.32
C SER B 159 -16.62 -2.38 16.72
N HIS B 160 -17.49 -2.38 15.72
CA HIS B 160 -18.90 -2.04 15.90
C HIS B 160 -19.83 -3.24 15.93
N GLU B 161 -19.26 -4.44 15.83
CA GLU B 161 -20.07 -5.66 15.76
C GLU B 161 -21.20 -5.48 14.75
N ARG B 162 -20.84 -5.16 13.52
CA ARG B 162 -21.82 -4.90 12.49
C ARG B 162 -21.64 -5.88 11.35
N THR B 163 -22.61 -5.89 10.45
CA THR B 163 -22.54 -6.76 9.29
C THR B 163 -22.57 -5.90 8.05
N TYR B 164 -21.56 -6.06 7.20
CA TYR B 164 -21.48 -5.32 5.95
C TYR B 164 -21.74 -6.19 4.74
N VAL B 165 -22.25 -5.55 3.68
CA VAL B 165 -22.32 -6.17 2.37
C VAL B 165 -21.45 -5.35 1.43
N ILE B 166 -20.54 -6.00 0.72
CA ILE B 166 -19.68 -5.29 -0.21
C ILE B 166 -19.95 -5.72 -1.66
N GLU B 167 -20.38 -4.77 -2.47
CA GLU B 167 -20.62 -5.05 -3.89
C GLU B 167 -19.36 -4.84 -4.71
N VAL B 168 -18.89 -5.90 -5.36
CA VAL B 168 -17.71 -5.81 -6.20
C VAL B 168 -18.08 -5.89 -7.69
N MET B 169 -17.19 -5.42 -8.56
CA MET B 169 -17.44 -5.45 -10.00
C MET B 169 -17.28 -6.85 -10.60
N GLY B 170 -17.61 -6.98 -11.89
CA GLY B 170 -17.55 -8.29 -12.52
C GLY B 170 -18.36 -8.40 -13.79
N ARG B 171 -19.45 -7.63 -13.87
CA ARG B 171 -20.30 -7.60 -15.06
C ARG B 171 -21.17 -8.87 -15.15
N HIS B 172 -20.63 -9.91 -15.77
CA HIS B 172 -21.33 -11.18 -15.85
C HIS B 172 -20.56 -12.30 -15.16
N ALA B 173 -19.30 -12.05 -14.85
CA ALA B 173 -18.46 -13.05 -14.18
C ALA B 173 -18.39 -12.83 -12.67
N GLY B 174 -18.34 -13.92 -11.91
CA GLY B 174 -18.27 -13.83 -10.46
C GLY B 174 -16.89 -14.11 -9.92
N ASP B 175 -15.88 -13.99 -10.79
CA ASP B 175 -14.52 -14.37 -10.44
C ASP B 175 -14.03 -13.53 -9.29
N ILE B 176 -14.12 -12.22 -9.47
CA ILE B 176 -13.72 -11.25 -8.46
C ILE B 176 -14.36 -11.59 -7.11
N ALA B 177 -15.68 -11.65 -7.08
CA ALA B 177 -16.41 -11.94 -5.85
C ALA B 177 -15.92 -13.23 -5.19
N LEU B 178 -15.83 -14.30 -5.98
CA LEU B 178 -15.41 -15.60 -5.48
C LEU B 178 -13.96 -15.60 -4.99
N TRP B 179 -13.07 -14.99 -5.77
CA TRP B 179 -11.66 -14.97 -5.41
C TRP B 179 -11.38 -14.03 -4.22
N SER B 180 -12.02 -12.88 -4.22
CA SER B 180 -11.79 -11.92 -3.14
C SER B 180 -12.43 -12.37 -1.83
N GLY B 181 -13.72 -12.69 -1.87
CA GLY B 181 -14.41 -13.17 -0.69
C GLY B 181 -13.67 -14.32 -0.03
N LEU B 182 -13.23 -15.28 -0.85
CA LEU B 182 -12.41 -16.38 -0.38
C LEU B 182 -11.09 -15.91 0.23
N ALA B 183 -10.48 -14.90 -0.38
CA ALA B 183 -9.23 -14.35 0.14
C ALA B 183 -9.48 -13.51 1.37
N GLY B 184 -10.70 -12.97 1.47
CA GLY B 184 -11.03 -12.05 2.55
C GLY B 184 -11.75 -12.72 3.71
N GLY B 185 -11.85 -14.04 3.66
CA GLY B 185 -12.53 -14.78 4.71
C GLY B 185 -13.97 -14.39 4.89
N ALA B 186 -14.62 -14.01 3.78
CA ALA B 186 -16.03 -13.67 3.78
C ALA B 186 -16.86 -14.89 4.17
N GLU B 187 -17.97 -14.66 4.86
CA GLU B 187 -18.84 -15.76 5.27
C GLU B 187 -20.02 -15.97 4.29
N THR B 188 -20.23 -15.01 3.38
CA THR B 188 -21.16 -15.22 2.27
C THR B 188 -20.60 -14.64 0.98
N ILE B 189 -20.63 -15.45 -0.08
CA ILE B 189 -20.32 -14.97 -1.42
C ILE B 189 -21.50 -15.29 -2.34
N LEU B 190 -21.89 -14.35 -3.18
CA LEU B 190 -22.97 -14.58 -4.13
C LEU B 190 -22.51 -14.21 -5.54
N ILE B 191 -22.61 -15.17 -6.46
CA ILE B 191 -22.09 -15.05 -7.81
C ILE B 191 -23.09 -15.53 -8.86
N PRO B 192 -22.89 -15.16 -10.13
CA PRO B 192 -23.81 -15.61 -11.17
C PRO B 192 -23.74 -17.12 -11.41
N GLU B 193 -22.56 -17.70 -11.28
CA GLU B 193 -22.30 -19.07 -11.71
C GLU B 193 -22.83 -20.13 -10.75
N ALA B 194 -23.02 -19.76 -9.50
CA ALA B 194 -23.58 -20.67 -8.50
C ALA B 194 -24.95 -20.15 -8.12
N ASP B 195 -25.80 -21.01 -7.57
CA ASP B 195 -27.10 -20.55 -7.12
C ASP B 195 -27.16 -20.42 -5.62
N TYR B 196 -27.97 -19.48 -5.14
CA TYR B 196 -28.10 -19.23 -3.72
C TYR B 196 -29.56 -19.16 -3.31
N ASP B 197 -29.80 -19.26 -2.01
CA ASP B 197 -31.12 -19.10 -1.45
C ASP B 197 -31.01 -18.05 -0.36
N MET B 198 -31.75 -16.96 -0.51
CA MET B 198 -31.68 -15.88 0.46
C MET B 198 -31.97 -16.40 1.87
N ASN B 199 -33.02 -17.21 1.99
CA ASN B 199 -33.37 -17.81 3.26
C ASN B 199 -32.20 -18.56 3.87
N ASP B 200 -31.44 -19.26 3.03
CA ASP B 200 -30.20 -19.87 3.45
C ASP B 200 -29.28 -18.84 4.06
N VAL B 201 -28.94 -17.82 3.28
CA VAL B 201 -28.05 -16.76 3.75
C VAL B 201 -28.54 -16.23 5.08
N ILE B 202 -29.81 -15.81 5.13
CA ILE B 202 -30.39 -15.25 6.34
C ILE B 202 -30.10 -16.14 7.54
N ALA B 203 -30.64 -17.35 7.51
CA ALA B 203 -30.48 -18.30 8.61
C ALA B 203 -29.01 -18.55 8.93
N ARG B 204 -28.15 -18.56 7.91
CA ARG B 204 -26.74 -18.82 8.11
C ARG B 204 -26.07 -17.70 8.89
N LEU B 205 -26.57 -16.48 8.74
CA LEU B 205 -26.07 -15.34 9.51
C LEU B 205 -26.69 -15.33 10.91
N LYS B 206 -27.99 -15.63 10.98
CA LYS B 206 -28.67 -15.79 12.26
C LYS B 206 -28.01 -16.87 13.09
N ARG B 207 -27.54 -17.93 12.43
CA ARG B 207 -26.88 -19.04 13.10
C ARG B 207 -25.53 -18.63 13.66
N GLY B 208 -24.68 -18.05 12.79
CA GLY B 208 -23.37 -17.59 13.20
C GLY B 208 -23.48 -16.64 14.37
N HIS B 209 -24.60 -15.93 14.44
CA HIS B 209 -24.88 -15.02 15.54
C HIS B 209 -25.07 -15.81 16.85
N GLU B 210 -25.69 -16.99 16.74
CA GLU B 210 -25.87 -17.92 17.87
C GLU B 210 -24.56 -18.34 18.51
N ARG B 211 -23.58 -18.68 17.69
CA ARG B 211 -22.29 -19.11 18.16
C ARG B 211 -21.46 -17.94 18.68
N GLY B 212 -22.05 -16.74 18.65
CA GLY B 212 -21.40 -15.56 19.20
C GLY B 212 -20.70 -14.64 18.21
N LYS B 213 -20.66 -15.03 16.94
CA LYS B 213 -20.05 -14.21 15.91
C LYS B 213 -20.79 -12.88 15.79
N LYS B 214 -20.04 -11.79 15.97
CA LYS B 214 -20.65 -10.48 16.09
C LYS B 214 -20.53 -9.63 14.82
N HIS B 215 -19.78 -10.12 13.84
CA HIS B 215 -19.63 -9.40 12.57
C HIS B 215 -19.58 -10.33 11.36
N SER B 216 -20.09 -9.85 10.23
CA SER B 216 -20.04 -10.60 8.99
C SER B 216 -19.82 -9.71 7.77
N ILE B 217 -19.13 -10.26 6.77
CA ILE B 217 -19.01 -9.62 5.48
C ILE B 217 -19.68 -10.48 4.41
N ILE B 218 -20.74 -9.96 3.80
CA ILE B 218 -21.31 -10.61 2.62
C ILE B 218 -20.71 -9.97 1.39
N ILE B 219 -20.19 -10.79 0.48
CA ILE B 219 -19.67 -10.25 -0.77
C ILE B 219 -20.63 -10.58 -1.91
N VAL B 220 -21.04 -9.54 -2.63
CA VAL B 220 -21.97 -9.72 -3.72
C VAL B 220 -21.40 -9.22 -5.05
N ALA B 221 -21.40 -10.09 -6.05
CA ALA B 221 -21.00 -9.72 -7.41
C ALA B 221 -22.10 -8.89 -8.08
N GLU B 222 -21.72 -7.76 -8.66
CA GLU B 222 -22.70 -6.85 -9.24
C GLU B 222 -23.60 -7.58 -10.24
N GLY B 223 -23.03 -8.59 -10.91
CA GLY B 223 -23.76 -9.35 -11.90
C GLY B 223 -24.93 -10.12 -11.33
N VAL B 224 -24.97 -10.22 -10.01
CA VAL B 224 -26.03 -10.94 -9.33
C VAL B 224 -27.15 -10.04 -8.85
N GLY B 225 -26.84 -8.77 -8.61
CA GLY B 225 -27.84 -7.83 -8.15
C GLY B 225 -27.18 -6.63 -7.50
N SER B 226 -28.00 -5.75 -6.92
CA SER B 226 -27.46 -4.56 -6.26
C SER B 226 -27.16 -4.81 -4.78
N GLY B 227 -25.95 -4.47 -4.36
CA GLY B 227 -25.53 -4.65 -2.98
C GLY B 227 -26.53 -4.03 -2.03
N VAL B 228 -27.03 -2.85 -2.42
CA VAL B 228 -28.04 -2.12 -1.67
C VAL B 228 -29.25 -2.98 -1.34
N ASP B 229 -29.78 -3.66 -2.36
CA ASP B 229 -30.95 -4.51 -2.20
C ASP B 229 -30.71 -5.63 -1.20
N PHE B 230 -29.62 -6.37 -1.40
CA PHE B 230 -29.26 -7.48 -0.51
C PHE B 230 -29.17 -6.99 0.93
N GLY B 231 -28.48 -5.88 1.13
CA GLY B 231 -28.37 -5.28 2.44
C GLY B 231 -29.76 -5.14 3.06
N ARG B 232 -30.68 -4.63 2.26
CA ARG B 232 -32.04 -4.39 2.71
C ARG B 232 -32.76 -5.69 3.10
N GLN B 233 -32.85 -6.64 2.18
CA GLN B 233 -33.50 -7.92 2.48
C GLN B 233 -32.98 -8.49 3.79
N ILE B 234 -31.66 -8.41 3.97
CA ILE B 234 -31.01 -8.96 5.15
C ILE B 234 -31.36 -8.23 6.45
N GLN B 235 -31.26 -6.91 6.44
CA GLN B 235 -31.50 -6.14 7.66
C GLN B 235 -32.96 -6.28 8.09
N GLU B 236 -33.90 -6.16 7.15
CA GLU B 236 -35.30 -6.40 7.44
C GLU B 236 -35.48 -7.80 8.03
N ALA B 237 -34.79 -8.77 7.47
CA ALA B 237 -34.97 -10.16 7.86
C ALA B 237 -34.46 -10.47 9.27
N THR B 238 -33.36 -9.83 9.67
CA THR B 238 -32.70 -10.21 10.92
C THR B 238 -32.77 -9.13 12.01
N GLY B 239 -32.80 -7.87 11.59
CA GLY B 239 -32.82 -6.77 12.52
C GLY B 239 -31.45 -6.20 12.84
N PHE B 240 -30.40 -6.86 12.34
CA PHE B 240 -29.02 -6.44 12.60
C PHE B 240 -28.66 -5.11 11.93
N GLU B 241 -27.77 -4.36 12.58
CA GLU B 241 -27.24 -3.13 11.99
C GLU B 241 -26.44 -3.48 10.74
N THR B 242 -27.01 -3.18 9.57
CA THR B 242 -26.40 -3.59 8.30
C THR B 242 -26.02 -2.43 7.40
N ARG B 243 -24.74 -2.30 7.09
CA ARG B 243 -24.29 -1.29 6.12
C ARG B 243 -23.86 -1.95 4.80
N VAL B 244 -23.74 -1.14 3.75
CA VAL B 244 -23.47 -1.62 2.41
C VAL B 244 -22.46 -0.72 1.71
N THR B 245 -21.42 -1.32 1.13
CA THR B 245 -20.41 -0.56 0.40
C THR B 245 -20.30 -0.98 -1.06
N VAL B 246 -20.44 -0.03 -1.96
CA VAL B 246 -20.23 -0.28 -3.38
C VAL B 246 -18.88 0.30 -3.78
N LEU B 247 -17.89 -0.56 -3.96
CA LEU B 247 -16.54 -0.07 -4.21
C LEU B 247 -16.43 0.66 -5.55
N GLY B 248 -17.15 0.19 -6.55
CA GLY B 248 -17.14 0.84 -7.85
C GLY B 248 -15.78 0.87 -8.53
N HIS B 249 -15.54 1.92 -9.30
CA HIS B 249 -14.42 1.93 -10.25
C HIS B 249 -13.04 2.04 -9.63
N VAL B 250 -13.00 2.07 -8.31
CA VAL B 250 -11.75 1.94 -7.61
C VAL B 250 -11.04 0.69 -8.10
N GLN B 251 -11.81 -0.38 -8.30
CA GLN B 251 -11.30 -1.65 -8.78
C GLN B 251 -10.64 -1.58 -10.14
N ARG B 252 -11.01 -0.56 -10.93
CA ARG B 252 -10.49 -0.41 -12.28
C ARG B 252 -9.09 0.20 -12.33
N GLY B 253 -8.70 0.89 -11.26
CA GLY B 253 -7.47 1.65 -11.32
C GLY B 253 -6.35 1.11 -10.45
N GLY B 254 -5.21 1.80 -10.46
CA GLY B 254 -4.12 1.46 -9.59
C GLY B 254 -2.92 0.91 -10.31
N SER B 255 -1.77 0.89 -9.64
CA SER B 255 -0.56 0.30 -10.19
C SER B 255 -0.75 -1.20 -10.16
N PRO B 256 -0.51 -1.86 -11.31
CA PRO B 256 -0.72 -3.31 -11.47
C PRO B 256 0.27 -4.13 -10.64
N THR B 257 -0.23 -5.20 -10.06
CA THR B 257 0.55 -6.10 -9.20
C THR B 257 1.56 -6.92 -9.97
N ALA B 258 2.46 -7.58 -9.25
CA ALA B 258 3.54 -8.32 -9.87
C ALA B 258 3.02 -9.34 -10.90
N PHE B 259 1.93 -10.04 -10.56
CA PHE B 259 1.31 -11.01 -11.46
C PHE B 259 0.77 -10.35 -12.71
N ASP B 260 0.15 -9.17 -12.55
CA ASP B 260 -0.43 -8.48 -13.68
C ASP B 260 0.65 -7.90 -14.59
N ARG B 261 1.73 -7.42 -13.97
CA ARG B 261 2.84 -6.89 -14.75
C ARG B 261 3.53 -7.98 -15.54
N VAL B 262 3.67 -9.16 -14.94
CA VAL B 262 4.31 -10.29 -15.62
C VAL B 262 3.41 -10.86 -16.72
N LEU B 263 2.14 -11.10 -16.40
CA LEU B 263 1.20 -11.62 -17.39
C LEU B 263 1.14 -10.72 -18.61
N ALA B 264 1.00 -9.42 -18.38
CA ALA B 264 0.99 -8.47 -19.48
C ALA B 264 2.26 -8.57 -20.32
N SER B 265 3.41 -8.63 -19.66
CA SER B 265 4.70 -8.68 -20.35
C SER B 265 4.85 -9.93 -21.22
N ARG B 266 4.45 -11.06 -20.66
CA ARG B 266 4.49 -12.31 -21.40
C ARG B 266 3.50 -12.26 -22.56
N LEU B 267 2.22 -12.09 -22.24
CA LEU B 267 1.16 -12.09 -23.23
C LEU B 267 1.45 -11.14 -24.40
N GLY B 268 1.80 -9.90 -24.08
CA GLY B 268 2.08 -8.89 -25.09
C GLY B 268 3.22 -9.31 -26.00
N ALA B 269 4.34 -9.72 -25.39
CA ALA B 269 5.47 -10.22 -26.15
C ALA B 269 5.09 -11.40 -27.05
N ARG B 270 4.29 -12.31 -26.53
CA ARG B 270 3.86 -13.47 -27.32
C ARG B 270 2.97 -13.07 -28.49
N ALA B 271 2.20 -12.00 -28.28
CA ALA B 271 1.25 -11.54 -29.28
C ALA B 271 1.97 -11.04 -30.52
N VAL B 272 3.03 -10.25 -30.30
CA VAL B 272 3.79 -9.72 -31.41
C VAL B 272 4.50 -10.86 -32.15
N GLU B 273 5.06 -11.80 -31.40
CA GLU B 273 5.68 -12.97 -31.99
C GLU B 273 4.78 -13.59 -33.06
N LEU B 274 3.51 -13.76 -32.72
CA LEU B 274 2.55 -14.42 -33.60
C LEU B 274 2.42 -13.71 -34.94
N LEU B 275 2.25 -12.39 -34.90
CA LEU B 275 2.17 -11.59 -36.11
C LEU B 275 3.44 -11.76 -36.94
N LEU B 276 4.57 -11.78 -36.25
CA LEU B 276 5.86 -11.88 -36.93
C LEU B 276 6.01 -13.23 -37.61
N GLU B 277 5.36 -14.24 -37.05
CA GLU B 277 5.38 -15.58 -37.62
C GLU B 277 4.29 -15.74 -38.69
N GLY B 278 3.63 -14.64 -39.03
CA GLY B 278 2.59 -14.67 -40.05
C GLY B 278 1.28 -15.25 -39.56
N LYS B 279 1.18 -15.56 -38.28
CA LYS B 279 -0.07 -16.05 -37.70
C LYS B 279 -1.03 -14.89 -37.48
N GLY B 280 -2.33 -15.18 -37.39
CA GLY B 280 -3.32 -14.13 -37.35
C GLY B 280 -4.73 -14.60 -37.04
N GLY B 281 -5.51 -13.73 -36.42
CA GLY B 281 -6.85 -14.08 -35.95
C GLY B 281 -6.79 -14.90 -34.67
N ARG B 282 -5.74 -14.68 -33.89
CA ARG B 282 -5.53 -15.44 -32.67
C ARG B 282 -5.58 -14.53 -31.44
N CYS B 283 -5.93 -15.11 -30.30
CA CYS B 283 -5.83 -14.43 -29.02
C CYS B 283 -4.90 -15.19 -28.07
N VAL B 284 -3.99 -14.47 -27.42
CA VAL B 284 -3.08 -15.08 -26.46
C VAL B 284 -3.74 -15.24 -25.09
N GLY B 285 -3.12 -16.03 -24.22
CA GLY B 285 -3.67 -16.25 -22.90
C GLY B 285 -2.74 -17.13 -22.10
N ILE B 286 -3.11 -17.39 -20.86
CA ILE B 286 -2.37 -18.34 -20.05
C ILE B 286 -3.36 -19.40 -19.58
N GLN B 287 -3.01 -20.67 -19.77
CA GLN B 287 -3.89 -21.76 -19.41
C GLN B 287 -3.08 -22.88 -18.79
N ASN B 288 -3.52 -23.34 -17.63
CA ASN B 288 -2.76 -24.31 -16.86
C ASN B 288 -1.29 -23.91 -16.76
N ASN B 289 -1.08 -22.64 -16.43
CA ASN B 289 0.26 -22.07 -16.23
C ASN B 289 1.18 -22.18 -17.45
N GLN B 290 0.58 -22.39 -18.62
CA GLN B 290 1.35 -22.42 -19.86
C GLN B 290 0.83 -21.38 -20.85
N LEU B 291 1.75 -20.78 -21.60
CA LEU B 291 1.36 -19.81 -22.61
C LEU B 291 0.69 -20.52 -23.78
N VAL B 292 -0.50 -20.04 -24.14
CA VAL B 292 -1.23 -20.66 -25.23
C VAL B 292 -1.77 -19.61 -26.19
N ASP B 293 -2.15 -20.04 -27.38
CA ASP B 293 -2.88 -19.17 -28.29
C ASP B 293 -3.95 -19.96 -29.02
N HIS B 294 -5.10 -19.34 -29.21
CA HIS B 294 -6.24 -20.00 -29.83
C HIS B 294 -6.83 -19.17 -30.96
N ASP B 295 -7.51 -19.83 -31.89
CA ASP B 295 -8.28 -19.08 -32.85
C ASP B 295 -9.39 -18.35 -32.11
N ILE B 296 -9.44 -17.04 -32.31
CA ILE B 296 -10.44 -16.19 -31.68
C ILE B 296 -11.84 -16.77 -31.80
N ALA B 297 -12.34 -16.87 -33.03
CA ALA B 297 -13.71 -17.30 -33.30
C ALA B 297 -14.17 -18.47 -32.43
N GLU B 298 -13.25 -19.38 -32.15
CA GLU B 298 -13.61 -20.58 -31.41
C GLU B 298 -13.42 -20.37 -29.91
N ALA B 299 -12.50 -19.49 -29.55
CA ALA B 299 -12.31 -19.14 -28.14
C ALA B 299 -13.54 -18.39 -27.66
N LEU B 300 -13.97 -17.43 -28.47
CA LEU B 300 -15.16 -16.65 -28.18
C LEU B 300 -16.39 -17.52 -28.03
N ALA B 301 -16.26 -18.79 -28.37
CA ALA B 301 -17.41 -19.70 -28.37
C ALA B 301 -17.63 -20.42 -27.04
N ASN B 302 -16.64 -20.42 -26.16
CA ASN B 302 -16.81 -21.06 -24.85
C ASN B 302 -17.50 -20.12 -23.86
N LYS B 303 -18.60 -20.57 -23.27
CA LYS B 303 -19.13 -19.85 -22.13
C LYS B 303 -18.06 -19.85 -21.06
N HIS B 304 -17.92 -18.71 -20.37
CA HIS B 304 -16.99 -18.60 -19.25
C HIS B 304 -17.54 -19.32 -18.03
N THR B 305 -16.66 -19.92 -17.23
CA THR B 305 -17.08 -20.69 -16.06
C THR B 305 -16.15 -20.44 -14.86
N ILE B 306 -16.68 -20.46 -13.64
CA ILE B 306 -15.83 -20.35 -12.46
C ILE B 306 -15.47 -21.73 -11.91
N ASP B 307 -14.52 -21.77 -10.98
CA ASP B 307 -14.12 -23.03 -10.34
C ASP B 307 -15.09 -23.43 -9.22
N GLN B 308 -15.99 -24.35 -9.55
CA GLN B 308 -17.06 -24.74 -8.64
C GLN B 308 -16.59 -25.28 -7.29
N ARG B 309 -15.47 -25.99 -7.30
CA ARG B 309 -14.87 -26.54 -6.08
C ARG B 309 -14.47 -25.40 -5.14
N MET B 310 -13.89 -24.35 -5.70
CA MET B 310 -13.47 -23.22 -4.88
C MET B 310 -14.64 -22.56 -4.15
N TYR B 311 -15.76 -22.37 -4.84
CA TYR B 311 -16.96 -21.83 -4.21
C TYR B 311 -17.38 -22.76 -3.08
N ALA B 312 -17.35 -24.05 -3.36
CA ALA B 312 -17.66 -25.06 -2.37
C ALA B 312 -16.68 -24.96 -1.20
N LEU B 313 -15.41 -24.78 -1.51
CA LEU B 313 -14.41 -24.60 -0.47
C LEU B 313 -14.76 -23.40 0.41
N SER B 314 -15.09 -22.27 -0.22
CA SER B 314 -15.40 -21.04 0.51
C SER B 314 -16.54 -21.22 1.51
N LYS B 315 -17.45 -22.14 1.21
CA LYS B 315 -18.56 -22.41 2.11
C LYS B 315 -18.07 -23.22 3.31
N GLU B 316 -17.33 -24.29 3.02
CA GLU B 316 -16.85 -25.17 4.07
C GLU B 316 -15.96 -24.41 5.04
N LEU B 317 -15.30 -23.37 4.55
CA LEU B 317 -14.41 -22.57 5.39
C LEU B 317 -15.17 -21.50 6.18
N SER B 318 -16.50 -21.55 6.12
CA SER B 318 -17.34 -20.63 6.88
C SER B 318 -17.97 -21.28 8.12
N MET C 1 -3.56 8.10 42.50
CA MET C 1 -4.19 7.07 41.67
C MET C 1 -3.29 5.85 41.48
N LYS C 2 -3.88 4.68 41.68
CA LYS C 2 -3.17 3.42 41.49
C LYS C 2 -3.85 2.61 40.38
N ARG C 3 -5.07 3.01 40.05
CA ARG C 3 -5.83 2.30 39.03
C ARG C 3 -6.75 3.20 38.22
N ILE C 4 -6.64 3.13 36.89
CA ILE C 4 -7.52 3.87 35.99
C ILE C 4 -8.16 2.95 34.95
N GLY C 5 -9.12 3.49 34.21
CA GLY C 5 -9.80 2.76 33.16
C GLY C 5 -9.65 3.48 31.83
N VAL C 6 -9.88 2.76 30.73
CA VAL C 6 -9.82 3.34 29.39
C VAL C 6 -10.92 2.78 28.50
N LEU C 7 -11.47 3.61 27.63
CA LEU C 7 -12.63 3.21 26.85
C LEU C 7 -12.66 3.87 25.45
N THR C 8 -13.41 3.31 24.52
CA THR C 8 -13.54 3.92 23.19
C THR C 8 -14.99 4.05 22.74
N SER C 9 -15.40 5.28 22.43
CA SER C 9 -16.78 5.56 22.06
C SER C 9 -16.91 6.38 20.79
N GLY C 10 -18.07 6.28 20.15
CA GLY C 10 -18.30 6.94 18.87
C GLY C 10 -17.89 6.03 17.74
N GLY C 11 -17.73 6.60 16.54
CA GLY C 11 -17.27 5.81 15.42
C GLY C 11 -15.83 5.37 15.61
N ASP C 12 -15.48 4.19 15.11
CA ASP C 12 -14.11 3.71 15.23
C ASP C 12 -13.21 4.43 14.23
N SER C 13 -11.91 4.39 14.52
CA SER C 13 -10.95 5.26 13.85
C SER C 13 -9.56 4.64 13.91
N PRO C 14 -8.87 4.54 12.75
CA PRO C 14 -7.52 3.95 12.73
C PRO C 14 -6.55 4.70 13.65
N GLY C 15 -5.95 3.98 14.59
CA GLY C 15 -5.05 4.58 15.57
C GLY C 15 -5.58 4.54 17.00
N MET C 16 -6.86 4.24 17.17
CA MET C 16 -7.41 4.09 18.51
C MET C 16 -6.59 3.07 19.29
N ASN C 17 -6.18 2.01 18.63
CA ASN C 17 -5.39 0.98 19.28
C ASN C 17 -4.04 1.52 19.71
N ALA C 18 -3.46 2.37 18.88
CA ALA C 18 -2.19 3.01 19.22
C ALA C 18 -2.44 3.84 20.46
N ALA C 19 -3.57 4.54 20.47
CA ALA C 19 -3.94 5.39 21.61
C ALA C 19 -4.15 4.56 22.88
N ILE C 20 -4.73 3.39 22.73
CA ILE C 20 -4.93 2.46 23.84
C ILE C 20 -3.58 1.95 24.34
N ARG C 21 -2.74 1.49 23.41
CA ARG C 21 -1.41 1.02 23.77
C ARG C 21 -0.72 2.03 24.66
N SER C 22 -0.80 3.30 24.28
CA SER C 22 -0.14 4.37 25.03
C SER C 22 -0.76 4.58 26.41
N VAL C 23 -2.08 4.73 26.45
CA VAL C 23 -2.77 4.79 27.73
C VAL C 23 -2.29 3.68 28.65
N VAL C 24 -2.25 2.46 28.13
CA VAL C 24 -1.93 1.29 28.95
C VAL C 24 -0.44 1.09 29.24
N ARG C 25 0.45 1.55 28.38
CA ARG C 25 1.88 1.41 28.68
C ARG C 25 2.41 2.57 29.51
N LYS C 26 1.88 3.77 29.28
CA LYS C 26 2.30 4.93 30.06
C LYS C 26 1.97 4.71 31.53
N ALA C 27 0.75 4.23 31.78
CA ALA C 27 0.33 3.93 33.14
C ALA C 27 1.26 2.91 33.81
N ILE C 28 1.69 1.90 33.06
CA ILE C 28 2.61 0.91 33.63
C ILE C 28 3.93 1.59 33.98
N TYR C 29 4.36 2.53 33.14
CA TYR C 29 5.59 3.25 33.44
C TYR C 29 5.51 3.86 34.82
N HIS C 30 4.31 4.33 35.19
CA HIS C 30 4.07 5.00 36.47
C HIS C 30 3.45 4.07 37.51
N GLY C 31 3.49 2.77 37.27
CA GLY C 31 2.94 1.81 38.22
C GLY C 31 1.45 1.98 38.45
N VAL C 32 0.72 2.38 37.41
CA VAL C 32 -0.73 2.44 37.48
C VAL C 32 -1.34 1.26 36.74
N GLU C 33 -2.48 0.77 37.22
CA GLU C 33 -3.17 -0.31 36.53
C GLU C 33 -4.22 0.24 35.58
N VAL C 34 -4.40 -0.43 34.45
CA VAL C 34 -5.42 -0.02 33.49
C VAL C 34 -6.49 -1.10 33.37
N TYR C 35 -7.75 -0.69 33.46
CA TYR C 35 -8.88 -1.59 33.23
C TYR C 35 -9.61 -1.23 31.95
N GLY C 36 -9.67 -2.17 31.01
CA GLY C 36 -10.38 -1.92 29.78
C GLY C 36 -11.89 -1.94 30.00
N VAL C 37 -12.57 -0.96 29.41
CA VAL C 37 -14.02 -0.97 29.40
C VAL C 37 -14.45 -1.22 27.98
N TYR C 38 -15.07 -2.37 27.76
CA TYR C 38 -15.38 -2.83 26.41
C TYR C 38 -16.76 -2.37 25.91
N HIS C 39 -16.84 -2.07 24.62
CA HIS C 39 -18.09 -1.68 23.97
C HIS C 39 -18.53 -0.28 24.37
N GLY C 40 -17.56 0.59 24.61
CA GLY C 40 -17.84 1.98 24.92
C GLY C 40 -18.72 2.20 26.15
N TYR C 41 -19.69 3.09 26.01
CA TYR C 41 -20.53 3.47 27.16
C TYR C 41 -21.54 2.41 27.59
N ALA C 42 -22.07 1.64 26.64
CA ALA C 42 -22.99 0.56 26.99
C ALA C 42 -22.27 -0.46 27.86
N GLY C 43 -20.99 -0.65 27.60
CA GLY C 43 -20.16 -1.53 28.41
C GLY C 43 -19.97 -1.00 29.82
N LEU C 44 -19.55 0.26 29.92
CA LEU C 44 -19.38 0.94 31.20
C LEU C 44 -20.55 0.69 32.14
N ILE C 45 -21.78 0.89 31.64
CA ILE C 45 -22.99 0.63 32.41
C ILE C 45 -23.13 -0.84 32.84
N ALA C 46 -22.79 -1.76 31.95
CA ALA C 46 -23.06 -3.17 32.19
C ALA C 46 -21.91 -3.90 32.87
N GLY C 47 -20.90 -3.16 33.32
CA GLY C 47 -19.66 -3.78 33.76
C GLY C 47 -18.85 -4.07 32.51
N ASN C 48 -18.63 -5.34 32.22
CA ASN C 48 -17.86 -5.67 31.02
C ASN C 48 -16.53 -4.94 31.08
N ILE C 49 -15.74 -5.28 32.09
CA ILE C 49 -14.52 -4.55 32.40
C ILE C 49 -13.42 -5.55 32.79
N LYS C 50 -12.25 -5.43 32.19
CA LYS C 50 -11.19 -6.40 32.44
C LYS C 50 -9.80 -5.76 32.45
N LYS C 51 -8.96 -6.22 33.37
CA LYS C 51 -7.62 -5.67 33.48
C LYS C 51 -6.88 -5.80 32.15
N LEU C 52 -6.30 -4.69 31.70
CA LEU C 52 -5.43 -4.73 30.53
C LEU C 52 -4.01 -5.07 30.95
N GLU C 53 -3.48 -6.16 30.40
CA GLU C 53 -2.12 -6.56 30.68
C GLU C 53 -1.21 -6.15 29.55
N VAL C 54 0.09 -6.08 29.83
CA VAL C 54 1.09 -5.74 28.82
C VAL C 54 0.86 -6.48 27.50
N GLY C 55 0.60 -7.78 27.59
CA GLY C 55 0.41 -8.62 26.42
C GLY C 55 -0.76 -8.18 25.57
N ASP C 56 -1.73 -7.53 26.21
CA ASP C 56 -2.94 -7.10 25.52
C ASP C 56 -2.71 -5.88 24.63
N VAL C 57 -1.55 -5.24 24.76
CA VAL C 57 -1.20 -4.08 23.92
C VAL C 57 0.09 -4.32 23.14
N GLY C 58 0.76 -5.43 23.40
CA GLY C 58 2.06 -5.70 22.83
C GLY C 58 2.10 -5.98 21.33
N ASP C 59 0.95 -5.92 20.68
CA ASP C 59 0.87 -6.13 19.24
C ASP C 59 -0.37 -5.50 18.61
N ILE C 60 -0.65 -4.24 18.96
CA ILE C 60 -1.82 -3.59 18.39
C ILE C 60 -1.54 -2.22 17.79
N ILE C 61 -0.29 -1.77 17.84
CA ILE C 61 0.01 -0.40 17.39
C ILE C 61 -0.34 -0.21 15.92
N HIS C 62 -0.28 -1.28 15.14
CA HIS C 62 -0.42 -1.20 13.69
C HIS C 62 -1.84 -1.53 13.25
N ARG C 63 -2.72 -1.80 14.19
CA ARG C 63 -4.03 -2.32 13.84
C ARG C 63 -5.15 -1.28 13.87
N GLY C 64 -5.96 -1.29 12.82
CA GLY C 64 -7.16 -0.46 12.77
C GLY C 64 -8.20 -0.89 13.77
N GLY C 65 -9.28 -0.11 13.86
CA GLY C 65 -10.37 -0.37 14.78
C GLY C 65 -9.98 -0.23 16.24
N THR C 66 -10.84 -0.69 17.14
CA THR C 66 -10.59 -0.65 18.58
C THR C 66 -10.78 -2.02 19.22
N ILE C 67 -9.75 -2.50 19.91
CA ILE C 67 -9.82 -3.81 20.54
C ILE C 67 -10.80 -3.81 21.72
N LEU C 68 -11.24 -2.63 22.12
CA LEU C 68 -12.22 -2.50 23.19
C LEU C 68 -13.64 -2.38 22.63
N TYR C 69 -13.74 -2.32 21.31
CA TYR C 69 -15.05 -2.17 20.66
C TYR C 69 -15.72 -0.85 21.02
N THR C 70 -16.89 -0.63 20.43
CA THR C 70 -17.61 0.62 20.63
C THR C 70 -19.07 0.46 20.23
N ALA C 71 -19.96 1.03 21.04
CA ALA C 71 -21.39 0.89 20.84
C ALA C 71 -22.12 2.15 21.30
N ARG C 72 -23.28 2.42 20.73
CA ARG C 72 -24.06 3.59 21.14
C ARG C 72 -24.67 3.36 22.51
N CYS C 73 -24.95 4.43 23.24
CA CYS C 73 -25.55 4.28 24.56
C CYS C 73 -26.52 5.39 24.93
N PRO C 74 -27.78 5.28 24.49
CA PRO C 74 -28.84 6.21 24.88
C PRO C 74 -28.99 6.32 26.40
N GLU C 75 -28.84 5.21 27.12
CA GLU C 75 -28.97 5.21 28.58
C GLU C 75 -28.09 6.24 29.29
N PHE C 76 -26.90 6.46 28.75
CA PHE C 76 -25.86 7.21 29.46
C PHE C 76 -26.04 8.72 29.48
N LYS C 77 -27.07 9.23 28.82
CA LYS C 77 -27.41 10.66 28.98
C LYS C 77 -28.35 10.89 30.16
N THR C 78 -29.17 9.89 30.48
CA THR C 78 -30.02 9.97 31.67
C THR C 78 -29.18 10.09 32.92
N GLU C 79 -29.83 10.38 34.05
CA GLU C 79 -29.15 10.45 35.34
C GLU C 79 -28.87 9.04 35.84
N GLU C 80 -29.85 8.15 35.69
CA GLU C 80 -29.75 6.79 36.22
C GLU C 80 -28.66 6.00 35.52
N GLY C 81 -28.61 6.08 34.19
CA GLY C 81 -27.57 5.43 33.43
C GLY C 81 -26.20 5.81 33.98
N GLN C 82 -26.01 7.10 34.18
CA GLN C 82 -24.78 7.61 34.78
C GLN C 82 -24.59 7.08 36.19
N LYS C 83 -25.66 7.14 36.98
CA LYS C 83 -25.62 6.54 38.31
C LYS C 83 -25.02 5.16 38.18
N LYS C 84 -25.52 4.39 37.21
CA LYS C 84 -25.04 3.03 36.97
C LYS C 84 -23.59 3.01 36.52
N GLY C 85 -23.22 3.96 35.67
CA GLY C 85 -21.85 4.07 35.21
C GLY C 85 -20.87 4.12 36.36
N ILE C 86 -21.09 5.06 37.28
CA ILE C 86 -20.16 5.28 38.38
C ILE C 86 -20.10 4.11 39.37
N GLU C 87 -21.26 3.57 39.73
CA GLU C 87 -21.28 2.39 40.59
C GLU C 87 -20.28 1.39 40.03
N GLN C 88 -20.53 0.96 38.80
CA GLN C 88 -19.68 -0.01 38.12
C GLN C 88 -18.21 0.37 38.15
N LEU C 89 -17.92 1.66 37.98
CA LEU C 89 -16.55 2.16 38.04
C LEU C 89 -15.96 1.94 39.43
N LYS C 90 -16.68 2.45 40.43
CA LYS C 90 -16.27 2.29 41.82
C LYS C 90 -16.12 0.82 42.15
N LYS C 91 -16.92 -0.04 41.52
CA LYS C 91 -16.91 -1.45 41.85
C LYS C 91 -15.57 -2.10 41.53
N HIS C 92 -14.87 -1.57 40.54
CA HIS C 92 -13.59 -2.15 40.14
C HIS C 92 -12.40 -1.37 40.70
N GLY C 93 -12.69 -0.25 41.35
CA GLY C 93 -11.65 0.56 41.95
C GLY C 93 -11.01 1.48 40.92
N ILE C 94 -11.75 1.75 39.86
CA ILE C 94 -11.26 2.64 38.81
C ILE C 94 -11.42 4.08 39.26
N GLU C 95 -10.28 4.74 39.47
CA GLU C 95 -10.24 6.07 40.04
C GLU C 95 -10.37 7.12 38.94
N GLY C 96 -10.28 6.69 37.69
CA GLY C 96 -10.26 7.61 36.58
C GLY C 96 -10.41 6.96 35.22
N LEU C 97 -10.95 7.71 34.28
CA LEU C 97 -11.30 7.17 32.97
C LEU C 97 -10.69 8.00 31.83
N VAL C 98 -10.04 7.33 30.89
CA VAL C 98 -9.65 7.94 29.61
C VAL C 98 -10.67 7.53 28.56
N VAL C 99 -11.35 8.51 27.98
CA VAL C 99 -12.30 8.25 26.91
C VAL C 99 -11.68 8.59 25.56
N ILE C 100 -11.47 7.56 24.76
CA ILE C 100 -10.94 7.71 23.41
C ILE C 100 -12.09 7.61 22.42
N GLY C 101 -12.45 8.72 21.78
CA GLY C 101 -13.59 8.68 20.90
C GLY C 101 -14.05 9.98 20.30
N GLY C 102 -15.28 9.97 19.80
CA GLY C 102 -15.75 11.03 18.92
C GLY C 102 -16.94 11.82 19.39
N ASP C 103 -16.66 12.95 20.03
CA ASP C 103 -17.60 14.06 20.20
C ASP C 103 -18.74 13.81 21.20
N GLY C 104 -19.57 12.81 20.91
CA GLY C 104 -20.62 12.41 21.85
C GLY C 104 -19.96 11.89 23.11
N SER C 105 -18.84 11.20 22.91
CA SER C 105 -18.05 10.63 24.00
C SER C 105 -17.58 11.68 25.00
N TYR C 106 -17.28 12.88 24.49
CA TYR C 106 -16.85 13.99 25.34
C TYR C 106 -17.97 14.41 26.26
N GLN C 107 -19.19 14.29 25.78
CA GLN C 107 -20.36 14.61 26.59
C GLN C 107 -20.35 13.83 27.90
N GLY C 108 -20.25 12.51 27.81
CA GLY C 108 -20.23 11.65 28.97
C GLY C 108 -19.03 11.85 29.86
N ALA C 109 -17.90 12.18 29.24
CA ALA C 109 -16.67 12.43 30.00
C ALA C 109 -16.83 13.63 30.93
N LYS C 110 -17.64 14.60 30.51
CA LYS C 110 -17.93 15.76 31.33
C LYS C 110 -18.88 15.37 32.46
N LYS C 111 -19.99 14.73 32.09
CA LYS C 111 -20.99 14.31 33.07
C LYS C 111 -20.35 13.54 34.21
N LEU C 112 -19.41 12.65 33.87
CA LEU C 112 -18.68 11.91 34.90
C LEU C 112 -17.88 12.85 35.78
N THR C 113 -17.13 13.75 35.15
CA THR C 113 -16.32 14.70 35.88
C THR C 113 -17.17 15.53 36.84
N GLU C 114 -18.29 16.04 36.33
CA GLU C 114 -19.26 16.74 37.17
C GLU C 114 -19.63 15.91 38.42
N HIS C 115 -19.99 14.65 38.22
CA HIS C 115 -20.40 13.79 39.34
C HIS C 115 -19.23 13.28 40.18
N GLY C 116 -18.11 14.00 40.13
CA GLY C 116 -16.97 13.69 40.95
C GLY C 116 -16.13 12.53 40.47
N PHE C 117 -15.92 12.46 39.16
CA PHE C 117 -15.11 11.39 38.58
C PHE C 117 -14.27 11.88 37.40
N PRO C 118 -12.95 11.91 37.58
CA PRO C 118 -12.02 12.52 36.62
C PRO C 118 -11.94 11.78 35.28
N CYS C 119 -12.17 12.50 34.19
CA CYS C 119 -12.10 11.94 32.86
C CYS C 119 -11.22 12.79 31.96
N VAL C 120 -10.48 12.16 31.05
CA VAL C 120 -9.81 12.89 29.99
C VAL C 120 -10.32 12.37 28.64
N GLY C 121 -10.52 13.26 27.69
CA GLY C 121 -11.03 12.86 26.39
C GLY C 121 -9.98 12.92 25.30
N VAL C 122 -9.96 11.91 24.43
CA VAL C 122 -8.98 11.84 23.34
C VAL C 122 -9.64 11.87 21.95
N PRO C 123 -9.20 12.78 21.09
CA PRO C 123 -9.83 13.02 19.79
C PRO C 123 -9.75 11.79 18.89
N GLY C 124 -10.86 11.09 18.69
CA GLY C 124 -10.88 9.88 17.90
C GLY C 124 -12.00 9.85 16.90
N THR C 125 -11.67 10.17 15.65
CA THR C 125 -12.63 10.17 14.55
C THR C 125 -11.88 10.41 13.26
N ILE C 126 -12.36 9.89 12.15
CA ILE C 126 -11.70 10.14 10.88
C ILE C 126 -12.01 11.52 10.32
N ASP C 127 -13.14 12.10 10.73
CA ASP C 127 -13.57 13.36 10.11
C ASP C 127 -13.02 14.66 10.74
N ASN C 128 -12.07 14.52 11.67
CA ASN C 128 -11.39 15.67 12.25
C ASN C 128 -12.30 16.63 13.02
N ASP C 129 -13.55 16.24 13.20
CA ASP C 129 -14.59 17.12 13.69
C ASP C 129 -14.72 16.97 15.20
N ILE C 130 -13.69 17.43 15.91
CA ILE C 130 -13.65 17.42 17.37
C ILE C 130 -12.83 18.62 17.80
N PRO C 131 -13.33 19.39 18.79
CA PRO C 131 -12.65 20.60 19.25
C PRO C 131 -11.46 20.29 20.15
N GLY C 132 -10.74 21.32 20.56
CA GLY C 132 -9.59 21.16 21.43
C GLY C 132 -8.42 20.50 20.74
N THR C 133 -8.41 20.56 19.42
CA THR C 133 -7.33 19.95 18.64
C THR C 133 -7.44 20.29 17.15
N ASP C 134 -6.29 20.52 16.52
CA ASP C 134 -6.25 20.75 15.08
C ASP C 134 -6.61 19.49 14.31
N PHE C 135 -6.04 18.35 14.71
CA PHE C 135 -6.32 17.08 14.05
C PHE C 135 -6.80 16.03 15.02
N THR C 136 -7.60 15.09 14.53
CA THR C 136 -8.10 14.03 15.39
C THR C 136 -7.43 12.72 14.97
N ILE C 137 -7.34 11.77 15.89
CA ILE C 137 -6.76 10.48 15.55
C ILE C 137 -7.66 9.78 14.56
N GLY C 138 -7.15 9.56 13.35
CA GLY C 138 -7.91 8.86 12.33
C GLY C 138 -7.88 9.61 11.01
N PHE C 139 -7.74 10.93 11.11
CA PHE C 139 -7.79 11.82 9.95
C PHE C 139 -6.77 11.47 8.88
N ASP C 140 -5.50 11.49 9.25
CA ASP C 140 -4.43 11.21 8.29
C ASP C 140 -4.68 9.91 7.53
N THR C 141 -4.98 8.86 8.27
CA THR C 141 -5.24 7.57 7.67
C THR C 141 -6.39 7.65 6.67
N ALA C 142 -7.47 8.33 7.06
CA ALA C 142 -8.65 8.46 6.22
C ALA C 142 -8.28 9.22 4.94
N LEU C 143 -7.58 10.34 5.10
CA LEU C 143 -7.11 11.11 3.96
C LEU C 143 -6.39 10.20 2.95
N ASN C 144 -5.47 9.40 3.46
CA ASN C 144 -4.66 8.54 2.60
C ASN C 144 -5.47 7.43 1.94
N THR C 145 -6.49 6.93 2.63
CA THR C 145 -7.39 6.01 1.98
C THR C 145 -8.08 6.75 0.84
N VAL C 146 -8.57 7.95 1.12
CA VAL C 146 -9.18 8.74 0.08
C VAL C 146 -8.25 9.02 -1.10
N ILE C 147 -7.02 9.51 -0.87
CA ILE C 147 -6.17 9.83 -2.02
C ILE C 147 -5.77 8.60 -2.85
N ASP C 148 -5.64 7.44 -2.20
CA ASP C 148 -5.33 6.22 -2.95
C ASP C 148 -6.50 5.89 -3.86
N ALA C 149 -7.71 6.03 -3.33
CA ALA C 149 -8.89 5.86 -4.16
C ALA C 149 -8.90 6.86 -5.30
N ILE C 150 -8.64 8.13 -4.99
CA ILE C 150 -8.61 9.17 -6.02
C ILE C 150 -7.57 8.84 -7.08
N ASP C 151 -6.36 8.48 -6.64
CA ASP C 151 -5.30 8.05 -7.55
C ASP C 151 -5.79 6.96 -8.50
N LYS C 152 -6.43 5.94 -7.94
CA LYS C 152 -6.94 4.83 -8.74
C LYS C 152 -8.04 5.27 -9.73
N ILE C 153 -8.91 6.18 -9.31
CA ILE C 153 -9.96 6.67 -10.20
C ILE C 153 -9.39 7.62 -11.25
N ARG C 154 -8.23 8.20 -10.96
CA ARG C 154 -7.57 9.00 -11.97
C ARG C 154 -7.10 8.13 -13.15
N ASP C 155 -6.65 6.93 -12.85
CA ASP C 155 -6.15 6.03 -13.90
C ASP C 155 -7.24 5.74 -14.92
N THR C 156 -8.38 5.26 -14.44
CA THR C 156 -9.48 4.88 -15.30
C THR C 156 -10.13 6.07 -16.00
N ALA C 157 -10.17 7.22 -15.32
CA ALA C 157 -10.78 8.43 -15.85
C ALA C 157 -9.95 9.04 -16.97
N THR C 158 -8.63 8.85 -16.88
CA THR C 158 -7.71 9.38 -17.87
C THR C 158 -7.68 8.52 -19.12
N SER C 159 -7.78 7.20 -18.96
CA SER C 159 -7.82 6.32 -20.13
C SER C 159 -9.16 6.37 -20.86
N HIS C 160 -10.22 6.75 -20.15
CA HIS C 160 -11.56 6.81 -20.73
C HIS C 160 -12.07 8.22 -20.95
N GLU C 161 -11.29 9.22 -20.55
CA GLU C 161 -11.67 10.62 -20.68
C GLU C 161 -13.00 10.90 -20.00
N ARG C 162 -13.15 10.39 -18.79
CA ARG C 162 -14.40 10.58 -18.07
C ARG C 162 -14.26 11.63 -16.99
N THR C 163 -15.39 12.20 -16.60
CA THR C 163 -15.44 13.06 -15.44
C THR C 163 -15.98 12.25 -14.27
N TYR C 164 -15.41 12.45 -13.09
CA TYR C 164 -15.81 11.69 -11.90
C TYR C 164 -16.26 12.57 -10.75
N VAL C 165 -17.25 12.07 -10.01
CA VAL C 165 -17.61 12.66 -8.73
C VAL C 165 -17.35 11.59 -7.67
N ILE C 166 -16.57 11.94 -6.66
CA ILE C 166 -16.26 11.02 -5.57
C ILE C 166 -16.78 11.56 -4.25
N GLU C 167 -17.77 10.87 -3.68
CA GLU C 167 -18.31 11.25 -2.39
C GLU C 167 -17.45 10.70 -1.26
N VAL C 168 -16.98 11.59 -0.39
CA VAL C 168 -16.13 11.21 0.74
C VAL C 168 -16.86 11.47 2.06
N MET C 169 -16.42 10.82 3.13
CA MET C 169 -17.09 10.94 4.43
C MET C 169 -16.83 12.27 5.17
N GLY C 170 -17.53 12.46 6.28
CA GLY C 170 -17.50 13.71 7.02
C GLY C 170 -18.90 14.27 7.15
N ARG C 171 -19.62 13.84 8.19
CA ARG C 171 -21.03 14.18 8.35
C ARG C 171 -21.30 15.69 8.26
N HIS C 172 -20.61 16.47 9.10
CA HIS C 172 -20.83 17.91 9.12
C HIS C 172 -19.52 18.68 8.91
N ALA C 173 -18.43 17.95 8.69
CA ALA C 173 -17.12 18.55 8.47
C ALA C 173 -16.64 18.30 7.05
N GLY C 174 -16.01 19.30 6.45
CA GLY C 174 -15.53 19.18 5.09
C GLY C 174 -14.03 18.95 5.05
N ASP C 175 -13.49 18.57 6.21
CA ASP C 175 -12.04 18.42 6.37
C ASP C 175 -11.46 17.37 5.45
N ILE C 176 -12.00 16.16 5.51
CA ILE C 176 -11.55 15.07 4.64
C ILE C 176 -11.56 15.53 3.19
N ALA C 177 -12.74 15.96 2.74
CA ALA C 177 -12.92 16.40 1.36
C ALA C 177 -11.94 17.51 0.95
N LEU C 178 -11.93 18.63 1.68
CA LEU C 178 -11.03 19.72 1.36
C LEU C 178 -9.60 19.22 1.29
N TRP C 179 -9.18 18.51 2.32
CA TRP C 179 -7.79 18.06 2.41
C TRP C 179 -7.39 17.04 1.36
N SER C 180 -8.27 16.08 1.09
CA SER C 180 -7.97 15.05 0.10
C SER C 180 -8.06 15.62 -1.31
N GLY C 181 -9.05 16.47 -1.54
CA GLY C 181 -9.18 17.16 -2.80
C GLY C 181 -7.91 17.91 -3.17
N LEU C 182 -7.42 18.73 -2.25
CA LEU C 182 -6.15 19.41 -2.44
C LEU C 182 -5.03 18.40 -2.73
N ALA C 183 -4.94 17.38 -1.88
CA ALA C 183 -3.95 16.33 -2.03
C ALA C 183 -4.08 15.59 -3.35
N GLY C 184 -5.32 15.45 -3.81
CA GLY C 184 -5.60 14.62 -4.98
C GLY C 184 -5.46 15.36 -6.29
N GLY C 185 -5.67 16.67 -6.27
CA GLY C 185 -5.64 17.46 -7.48
C GLY C 185 -7.04 17.65 -8.03
N ALA C 186 -8.03 17.43 -7.18
CA ALA C 186 -9.42 17.68 -7.55
C ALA C 186 -9.54 18.97 -8.35
N GLU C 187 -10.32 18.94 -9.42
CA GLU C 187 -10.67 20.17 -10.13
C GLU C 187 -11.79 20.88 -9.36
N THR C 188 -12.54 20.12 -8.58
CA THR C 188 -13.67 20.70 -7.85
C THR C 188 -13.83 20.03 -6.48
N ILE C 189 -14.00 20.86 -5.45
CA ILE C 189 -14.20 20.38 -4.10
C ILE C 189 -15.41 21.05 -3.48
N LEU C 190 -16.33 20.26 -2.94
CA LEU C 190 -17.54 20.80 -2.31
C LEU C 190 -17.63 20.43 -0.83
N ILE C 191 -17.84 21.43 0.01
CA ILE C 191 -17.79 21.24 1.46
C ILE C 191 -18.79 22.17 2.15
N PRO C 192 -19.12 21.88 3.41
CA PRO C 192 -20.19 22.61 4.12
C PRO C 192 -19.72 23.94 4.70
N GLU C 193 -18.42 24.10 4.89
CA GLU C 193 -17.86 25.31 5.49
C GLU C 193 -17.73 26.49 4.53
N ALA C 194 -18.10 26.28 3.27
CA ALA C 194 -17.87 27.27 2.23
C ALA C 194 -18.92 27.19 1.13
N ASP C 195 -19.52 28.33 0.82
CA ASP C 195 -20.53 28.40 -0.23
C ASP C 195 -20.00 28.02 -1.62
N TYR C 196 -20.83 27.33 -2.39
CA TYR C 196 -20.50 27.04 -3.77
C TYR C 196 -21.69 27.42 -4.65
N ASP C 197 -21.40 27.67 -5.92
CA ASP C 197 -22.45 27.93 -6.89
C ASP C 197 -22.34 26.90 -8.01
N MET C 198 -23.36 26.05 -8.15
CA MET C 198 -23.34 24.99 -9.15
C MET C 198 -22.97 25.48 -10.54
N ASN C 199 -23.47 26.65 -10.91
CA ASN C 199 -23.21 27.19 -12.23
C ASN C 199 -21.75 27.52 -12.45
N ASP C 200 -21.11 28.10 -11.44
CA ASP C 200 -19.69 28.36 -11.51
C ASP C 200 -18.93 27.04 -11.59
N VAL C 201 -19.50 25.99 -11.02
CA VAL C 201 -18.92 24.65 -11.13
C VAL C 201 -18.97 24.16 -12.57
N ILE C 202 -20.14 24.26 -13.19
CA ILE C 202 -20.31 23.82 -14.58
C ILE C 202 -19.43 24.66 -15.50
N ALA C 203 -19.45 25.97 -15.29
CA ALA C 203 -18.66 26.88 -16.10
C ALA C 203 -17.18 26.56 -15.95
N ARG C 204 -16.71 26.52 -14.70
CA ARG C 204 -15.33 26.17 -14.43
C ARG C 204 -15.00 24.83 -15.09
N LEU C 205 -15.98 23.93 -15.12
CA LEU C 205 -15.83 22.64 -15.78
C LEU C 205 -15.77 22.73 -17.30
N LYS C 206 -16.58 23.61 -17.88
CA LYS C 206 -16.57 23.79 -19.33
C LYS C 206 -15.31 24.53 -19.80
N ARG C 207 -14.94 25.61 -19.11
CA ARG C 207 -13.72 26.34 -19.47
C ARG C 207 -12.52 25.38 -19.55
N GLY C 208 -12.41 24.49 -18.58
CA GLY C 208 -11.31 23.55 -18.52
C GLY C 208 -11.31 22.56 -19.67
N HIS C 209 -12.50 22.12 -20.08
CA HIS C 209 -12.64 21.15 -21.17
C HIS C 209 -12.29 21.76 -22.52
N GLU C 210 -12.65 23.03 -22.69
CA GLU C 210 -12.33 23.78 -23.89
C GLU C 210 -10.83 24.10 -23.95
N ARG C 211 -10.21 24.22 -22.78
CA ARG C 211 -8.77 24.45 -22.67
C ARG C 211 -7.99 23.15 -22.86
N GLY C 212 -8.66 22.09 -23.30
CA GLY C 212 -7.99 20.84 -23.62
C GLY C 212 -8.23 19.68 -22.66
N LYS C 213 -8.53 19.98 -21.41
CA LYS C 213 -8.68 18.96 -20.36
C LYS C 213 -9.78 17.95 -20.69
N LYS C 214 -9.42 16.67 -20.71
CA LYS C 214 -10.34 15.63 -21.16
C LYS C 214 -10.93 14.80 -20.02
N HIS C 215 -10.42 14.99 -18.80
CA HIS C 215 -10.87 14.26 -17.62
C HIS C 215 -10.81 15.13 -16.39
N SER C 216 -11.66 14.85 -15.39
CA SER C 216 -11.77 15.72 -14.25
C SER C 216 -12.32 14.98 -13.03
N ILE C 217 -11.70 15.22 -11.87
CA ILE C 217 -12.17 14.64 -10.60
C ILE C 217 -12.94 15.68 -9.79
N ILE C 218 -14.05 15.26 -9.18
CA ILE C 218 -14.84 16.15 -8.35
C ILE C 218 -15.12 15.49 -7.01
N ILE C 219 -14.68 16.15 -5.93
CA ILE C 219 -14.82 15.63 -4.58
C ILE C 219 -15.97 16.29 -3.85
N VAL C 220 -16.83 15.49 -3.23
CA VAL C 220 -17.96 16.04 -2.50
C VAL C 220 -18.00 15.44 -1.10
N ALA C 221 -17.96 16.29 -0.09
CA ALA C 221 -18.15 15.85 1.28
C ALA C 221 -19.61 15.45 1.46
N GLU C 222 -19.82 14.26 2.01
CA GLU C 222 -21.16 13.69 2.15
C GLU C 222 -22.11 14.65 2.85
N GLY C 223 -21.53 15.61 3.57
CA GLY C 223 -22.29 16.61 4.32
C GLY C 223 -22.91 17.67 3.44
N VAL C 224 -22.31 17.87 2.27
CA VAL C 224 -22.87 18.80 1.30
C VAL C 224 -24.05 18.15 0.58
N GLY C 225 -23.91 16.88 0.24
CA GLY C 225 -24.97 16.18 -0.45
C GLY C 225 -24.59 14.80 -0.92
N SER C 226 -25.34 14.29 -1.89
CA SER C 226 -25.11 12.94 -2.42
C SER C 226 -24.34 12.95 -3.75
N GLY C 227 -23.24 12.22 -3.80
CA GLY C 227 -22.41 12.19 -4.99
C GLY C 227 -23.20 11.88 -6.24
N VAL C 228 -24.16 10.96 -6.13
CA VAL C 228 -24.95 10.52 -7.28
C VAL C 228 -25.66 11.70 -7.94
N ASP C 229 -26.05 12.66 -7.13
CA ASP C 229 -26.75 13.86 -7.61
C ASP C 229 -25.88 14.84 -8.32
N PHE C 230 -24.82 15.27 -7.64
CA PHE C 230 -23.85 16.16 -8.23
C PHE C 230 -23.41 15.54 -9.54
N GLY C 231 -23.40 14.21 -9.57
CA GLY C 231 -23.15 13.47 -10.78
C GLY C 231 -24.22 13.72 -11.83
N ARG C 232 -25.47 13.40 -11.50
CA ARG C 232 -26.57 13.66 -12.41
C ARG C 232 -26.56 15.12 -12.86
N GLN C 233 -26.62 16.02 -11.89
CA GLN C 233 -26.59 17.44 -12.17
C GLN C 233 -25.60 17.78 -13.28
N ILE C 234 -24.31 17.59 -13.02
CA ILE C 234 -23.29 18.09 -13.94
C ILE C 234 -23.19 17.27 -15.21
N GLN C 235 -23.58 15.99 -15.14
CA GLN C 235 -23.66 15.25 -16.37
C GLN C 235 -24.61 16.00 -17.29
N GLU C 236 -25.86 16.18 -16.87
CA GLU C 236 -26.86 16.80 -17.74
C GLU C 236 -26.65 18.31 -17.96
N ALA C 237 -25.76 18.90 -17.17
CA ALA C 237 -25.38 20.28 -17.40
C ALA C 237 -24.34 20.37 -18.53
N THR C 238 -23.33 19.50 -18.50
CA THR C 238 -22.22 19.58 -19.45
C THR C 238 -22.37 18.65 -20.65
N GLY C 239 -23.00 17.49 -20.43
CA GLY C 239 -23.10 16.49 -21.46
C GLY C 239 -21.95 15.49 -21.39
N PHE C 240 -20.87 15.90 -20.76
CA PHE C 240 -19.70 15.03 -20.59
C PHE C 240 -20.11 13.67 -20.05
N GLU C 241 -19.23 12.69 -20.22
CA GLU C 241 -19.45 11.41 -19.57
C GLU C 241 -18.98 11.45 -18.12
N THR C 242 -19.86 11.01 -17.22
CA THR C 242 -19.68 11.24 -15.79
C THR C 242 -19.99 10.01 -14.95
N ARG C 243 -19.11 9.70 -13.99
CA ARG C 243 -19.31 8.55 -13.12
C ARG C 243 -19.30 8.93 -11.64
N VAL C 244 -19.88 8.07 -10.81
CA VAL C 244 -20.03 8.35 -9.38
C VAL C 244 -19.51 7.23 -8.49
N THR C 245 -18.49 7.54 -7.69
CA THR C 245 -17.96 6.59 -6.74
C THR C 245 -18.25 7.06 -5.33
N VAL C 246 -18.89 6.21 -4.53
CA VAL C 246 -19.07 6.47 -3.10
C VAL C 246 -18.16 5.52 -2.32
N LEU C 247 -17.09 6.06 -1.75
CA LEU C 247 -16.12 5.23 -1.04
C LEU C 247 -16.74 4.61 0.21
N GLY C 248 -17.58 5.37 0.89
CA GLY C 248 -18.19 4.90 2.11
C GLY C 248 -17.17 4.41 3.13
N HIS C 249 -17.51 3.36 3.86
CA HIS C 249 -16.82 3.03 5.10
C HIS C 249 -15.38 2.55 5.01
N VAL C 250 -14.86 2.37 3.79
CA VAL C 250 -13.45 1.98 3.68
C VAL C 250 -12.59 3.00 4.45
N GLN C 251 -12.98 4.26 4.36
CA GLN C 251 -12.28 5.35 5.03
C GLN C 251 -12.11 5.10 6.53
N ARG C 252 -13.04 4.33 7.10
CA ARG C 252 -13.04 4.10 8.53
C ARG C 252 -11.98 3.07 8.96
N GLY C 253 -11.57 2.21 8.04
CA GLY C 253 -10.66 1.13 8.38
C GLY C 253 -9.21 1.33 7.98
N GLY C 254 -8.38 0.35 8.28
CA GLY C 254 -7.02 0.33 7.78
C GLY C 254 -5.95 0.54 8.84
N SER C 255 -4.74 0.09 8.55
CA SER C 255 -3.62 0.32 9.45
C SER C 255 -3.29 1.82 9.48
N PRO C 256 -3.15 2.38 10.70
CA PRO C 256 -2.91 3.81 10.96
C PRO C 256 -1.59 4.29 10.39
N THR C 257 -1.64 5.45 9.74
CA THR C 257 -0.46 6.10 9.17
C THR C 257 0.54 6.47 10.27
N ALA C 258 1.77 6.80 9.88
CA ALA C 258 2.78 7.17 10.85
C ALA C 258 2.30 8.33 11.73
N PHE C 259 1.56 9.26 11.12
CA PHE C 259 1.13 10.46 11.81
C PHE C 259 0.06 10.12 12.85
N ASP C 260 -0.85 9.22 12.48
CA ASP C 260 -1.94 8.82 13.36
C ASP C 260 -1.42 7.97 14.52
N ARG C 261 -0.44 7.14 14.23
CA ARG C 261 0.18 6.33 15.28
C ARG C 261 0.90 7.22 16.27
N VAL C 262 1.62 8.21 15.77
CA VAL C 262 2.35 9.14 16.64
C VAL C 262 1.40 10.01 17.46
N LEU C 263 0.42 10.61 16.79
CA LEU C 263 -0.60 11.42 17.45
C LEU C 263 -1.32 10.61 18.53
N ALA C 264 -1.85 9.45 18.14
CA ALA C 264 -2.48 8.56 19.11
C ALA C 264 -1.59 8.31 20.33
N SER C 265 -0.30 8.06 20.11
CA SER C 265 0.62 7.75 21.20
C SER C 265 0.95 8.93 22.13
N ARG C 266 1.06 10.13 21.57
CA ARG C 266 1.32 11.30 22.38
C ARG C 266 0.07 11.67 23.17
N LEU C 267 -1.04 11.85 22.46
CA LEU C 267 -2.32 12.20 23.07
C LEU C 267 -2.72 11.25 24.20
N GLY C 268 -2.69 9.95 23.93
CA GLY C 268 -3.06 8.97 24.93
C GLY C 268 -2.20 9.04 26.18
N ALA C 269 -0.88 9.15 25.97
CA ALA C 269 0.03 9.26 27.10
C ALA C 269 -0.23 10.54 27.88
N ARG C 270 -0.50 11.63 27.18
CA ARG C 270 -0.80 12.89 27.84
C ARG C 270 -2.07 12.77 28.66
N ALA C 271 -3.03 12.00 28.16
CA ALA C 271 -4.32 11.85 28.84
C ALA C 271 -4.11 11.15 30.19
N VAL C 272 -3.25 10.15 30.19
CA VAL C 272 -2.90 9.46 31.42
C VAL C 272 -2.26 10.45 32.40
N GLU C 273 -1.25 11.17 31.93
CA GLU C 273 -0.61 12.22 32.74
C GLU C 273 -1.60 13.10 33.48
N LEU C 274 -2.60 13.63 32.76
CA LEU C 274 -3.59 14.50 33.36
C LEU C 274 -4.32 13.89 34.56
N LEU C 275 -4.86 12.68 34.37
CA LEU C 275 -5.61 11.98 35.41
C LEU C 275 -4.72 11.75 36.62
N LEU C 276 -3.44 11.54 36.34
CA LEU C 276 -2.48 11.21 37.36
C LEU C 276 -2.01 12.44 38.13
N GLU C 277 -2.15 13.60 37.49
CA GLU C 277 -1.82 14.87 38.13
C GLU C 277 -3.08 15.45 38.79
N GLY C 278 -4.15 14.66 38.77
CA GLY C 278 -5.40 15.08 39.37
C GLY C 278 -6.19 16.07 38.53
N LYS C 279 -5.88 16.13 37.23
CA LYS C 279 -6.54 17.10 36.36
C LYS C 279 -7.68 16.50 35.53
N GLY C 280 -8.83 16.29 36.14
CA GLY C 280 -9.98 15.76 35.43
C GLY C 280 -10.78 16.78 34.64
N GLY C 281 -11.78 16.31 33.90
CA GLY C 281 -12.68 17.17 33.14
C GLY C 281 -12.13 17.74 31.85
N ARG C 282 -11.00 17.20 31.39
CA ARG C 282 -10.27 17.80 30.29
C ARG C 282 -10.39 17.00 29.00
N CYS C 283 -9.97 17.62 27.89
CA CYS C 283 -9.72 16.90 26.64
C CYS C 283 -8.36 17.30 26.04
N VAL C 284 -7.55 16.31 25.67
CA VAL C 284 -6.24 16.56 25.09
C VAL C 284 -6.28 16.86 23.58
N GLY C 285 -5.18 17.35 23.04
CA GLY C 285 -5.14 17.64 21.61
C GLY C 285 -3.79 18.09 21.11
N ILE C 286 -3.69 18.27 19.80
CA ILE C 286 -2.55 18.96 19.22
C ILE C 286 -3.04 20.25 18.58
N GLN C 287 -2.42 21.37 18.94
CA GLN C 287 -2.79 22.65 18.38
C GLN C 287 -1.54 23.47 18.11
N ASN C 288 -1.41 23.92 16.86
CA ASN C 288 -0.21 24.61 16.42
C ASN C 288 1.05 23.81 16.76
N ASN C 289 1.02 22.54 16.35
CA ASN C 289 2.12 21.61 16.59
C ASN C 289 2.57 21.54 18.05
N GLN C 290 1.64 21.75 18.96
CA GLN C 290 1.95 21.69 20.39
C GLN C 290 0.87 20.93 21.17
N LEU C 291 1.30 20.10 22.11
CA LEU C 291 0.39 19.39 22.98
C LEU C 291 -0.36 20.33 23.92
N VAL C 292 -1.67 20.16 24.00
CA VAL C 292 -2.48 21.03 24.83
C VAL C 292 -3.62 20.27 25.49
N ASP C 293 -4.17 20.86 26.54
CA ASP C 293 -5.41 20.38 27.13
C ASP C 293 -6.36 21.53 27.41
N HIS C 294 -7.66 21.26 27.32
CA HIS C 294 -8.68 22.29 27.52
C HIS C 294 -9.85 21.75 28.33
N ASP C 295 -10.46 22.62 29.12
CA ASP C 295 -11.74 22.27 29.73
C ASP C 295 -12.68 21.74 28.65
N ILE C 296 -13.29 20.59 28.91
CA ILE C 296 -14.22 20.00 27.95
C ILE C 296 -15.35 20.98 27.56
N ALA C 297 -16.07 21.49 28.56
CA ALA C 297 -17.18 22.39 28.30
C ALA C 297 -16.79 23.53 27.35
N GLU C 298 -15.58 24.03 27.51
CA GLU C 298 -15.12 25.17 26.72
C GLU C 298 -14.84 24.76 25.28
N ALA C 299 -14.12 23.66 25.10
CA ALA C 299 -13.82 23.16 23.77
C ALA C 299 -15.11 22.88 23.01
N LEU C 300 -16.05 22.23 23.69
CA LEU C 300 -17.31 21.87 23.07
C LEU C 300 -18.10 23.10 22.62
N ALA C 301 -17.62 24.28 23.02
CA ALA C 301 -18.31 25.51 22.67
C ALA C 301 -17.88 26.06 21.30
N ASN C 302 -16.70 25.66 20.83
CA ASN C 302 -16.15 26.20 19.59
C ASN C 302 -16.66 25.51 18.32
N LYS C 303 -17.57 26.17 17.62
CA LYS C 303 -17.95 25.75 16.29
C LYS C 303 -16.68 25.36 15.53
N HIS C 304 -16.74 24.22 14.85
CA HIS C 304 -15.60 23.73 14.08
C HIS C 304 -15.45 24.47 12.75
N THR C 305 -14.22 24.88 12.41
CA THR C 305 -13.97 25.60 11.16
C THR C 305 -12.96 24.87 10.28
N ILE C 306 -12.97 25.14 8.98
CA ILE C 306 -11.87 24.67 8.13
C ILE C 306 -10.98 25.86 7.79
N ASP C 307 -9.87 25.59 7.11
CA ASP C 307 -8.97 26.67 6.70
C ASP C 307 -9.38 27.27 5.35
N GLN C 308 -10.05 28.42 5.39
CA GLN C 308 -10.59 29.05 4.20
C GLN C 308 -9.52 29.36 3.14
N ARG C 309 -8.36 29.81 3.59
CA ARG C 309 -7.26 30.10 2.68
C ARG C 309 -6.83 28.86 1.92
N MET C 310 -6.94 27.70 2.56
CA MET C 310 -6.64 26.45 1.87
C MET C 310 -7.65 26.12 0.79
N TYR C 311 -8.94 26.24 1.11
CA TYR C 311 -9.99 26.09 0.11
C TYR C 311 -9.76 27.07 -1.04
N ALA C 312 -9.33 28.27 -0.68
CA ALA C 312 -9.00 29.28 -1.66
C ALA C 312 -7.88 28.78 -2.56
N LEU C 313 -6.82 28.27 -1.96
CA LEU C 313 -5.67 27.76 -2.72
C LEU C 313 -6.06 26.68 -3.71
N SER C 314 -6.86 25.72 -3.26
CA SER C 314 -7.32 24.62 -4.12
C SER C 314 -8.02 25.12 -5.37
N LYS C 315 -8.73 26.24 -5.24
CA LYS C 315 -9.39 26.86 -6.38
C LYS C 315 -8.37 27.48 -7.35
N GLU C 316 -7.43 28.25 -6.81
CA GLU C 316 -6.43 28.89 -7.64
C GLU C 316 -5.59 27.86 -8.40
N LEU C 317 -5.33 26.72 -7.76
CA LEU C 317 -4.46 25.69 -8.33
C LEU C 317 -5.12 24.83 -9.41
N SER C 318 -6.41 25.01 -9.60
CA SER C 318 -7.15 24.23 -10.59
C SER C 318 -7.89 25.14 -11.56
N ILE C 319 -7.16 26.08 -12.15
CA ILE C 319 -7.72 26.97 -13.15
C ILE C 319 -7.30 26.45 -14.53
N MET D 1 6.06 40.09 -11.11
CA MET D 1 6.86 39.54 -12.20
C MET D 1 5.96 39.17 -13.36
N LYS D 2 6.56 38.76 -14.47
CA LYS D 2 5.82 38.23 -15.60
C LYS D 2 6.27 36.80 -15.85
N ARG D 3 7.55 36.54 -15.60
CA ARG D 3 8.13 35.22 -15.81
C ARG D 3 9.06 34.80 -14.68
N ILE D 4 8.97 33.54 -14.27
CA ILE D 4 9.82 33.00 -13.21
C ILE D 4 10.30 31.59 -13.54
N GLY D 5 11.32 31.13 -12.83
CA GLY D 5 11.85 29.80 -13.03
C GLY D 5 11.78 28.95 -11.77
N VAL D 6 11.77 27.62 -11.95
CA VAL D 6 11.72 26.69 -10.84
C VAL D 6 12.74 25.57 -11.03
N LEU D 7 13.24 25.03 -9.92
CA LEU D 7 14.39 24.15 -9.95
C LEU D 7 14.38 23.24 -8.72
N THR D 8 14.88 22.02 -8.86
CA THR D 8 15.08 21.13 -7.70
C THR D 8 16.55 20.75 -7.53
N SER D 9 17.06 20.82 -6.29
CA SER D 9 18.46 20.50 -6.01
C SER D 9 18.60 19.69 -4.73
N GLY D 10 19.73 19.02 -4.55
CA GLY D 10 19.87 18.10 -3.44
C GLY D 10 19.14 16.80 -3.73
N GLY D 11 18.95 15.97 -2.71
CA GLY D 11 18.34 14.68 -2.91
C GLY D 11 16.89 14.66 -3.37
N ASP D 12 16.56 13.65 -4.19
CA ASP D 12 15.19 13.24 -4.52
C ASP D 12 14.30 13.30 -3.26
N SER D 13 13.04 13.71 -3.40
CA SER D 13 12.10 13.62 -2.28
C SER D 13 10.64 13.52 -2.69
N PRO D 14 9.92 12.53 -2.14
CA PRO D 14 8.51 12.37 -2.51
C PRO D 14 7.75 13.67 -2.23
N GLY D 15 7.13 14.23 -3.27
CA GLY D 15 6.31 15.42 -3.13
C GLY D 15 6.82 16.63 -3.90
N MET D 16 8.08 16.59 -4.31
CA MET D 16 8.67 17.67 -5.07
C MET D 16 7.84 17.96 -6.30
N ASN D 17 7.31 16.91 -6.90
CA ASN D 17 6.45 17.06 -8.06
C ASN D 17 5.21 17.85 -7.67
N ALA D 18 4.63 17.52 -6.51
CA ALA D 18 3.49 18.28 -6.05
C ALA D 18 3.91 19.72 -5.78
N ALA D 19 5.13 19.88 -5.28
CA ALA D 19 5.69 21.20 -5.06
C ALA D 19 5.81 21.95 -6.38
N ILE D 20 6.46 21.30 -7.35
CA ILE D 20 6.63 21.86 -8.68
C ILE D 20 5.28 22.19 -9.31
N ARG D 21 4.37 21.22 -9.30
CA ARG D 21 3.04 21.43 -9.85
C ARG D 21 2.43 22.72 -9.30
N SER D 22 2.65 22.96 -8.02
CA SER D 22 2.05 24.10 -7.33
C SER D 22 2.67 25.44 -7.76
N VAL D 23 3.98 25.49 -7.78
CA VAL D 23 4.70 26.64 -8.32
C VAL D 23 4.08 27.10 -9.66
N VAL D 24 3.79 26.13 -10.53
CA VAL D 24 3.28 26.43 -11.86
C VAL D 24 1.80 26.83 -11.87
N ARG D 25 0.94 26.00 -11.31
CA ARG D 25 -0.48 26.29 -11.32
C ARG D 25 -0.77 27.65 -10.71
N LYS D 26 0.00 28.00 -9.69
CA LYS D 26 -0.22 29.26 -8.98
C LYS D 26 0.20 30.42 -9.87
N ALA D 27 1.43 30.39 -10.36
CA ALA D 27 1.90 31.46 -11.23
C ALA D 27 0.87 31.70 -12.34
N ILE D 28 0.40 30.62 -12.93
CA ILE D 28 -0.62 30.69 -13.97
C ILE D 28 -1.84 31.49 -13.48
N TYR D 29 -2.33 31.15 -12.30
CA TYR D 29 -3.46 31.88 -11.73
C TYR D 29 -3.20 33.37 -11.68
N HIS D 30 -1.93 33.76 -11.72
CA HIS D 30 -1.55 35.16 -11.62
C HIS D 30 -0.94 35.71 -12.92
N GLY D 31 -1.21 35.05 -14.04
CA GLY D 31 -0.74 35.53 -15.33
C GLY D 31 0.77 35.51 -15.50
N VAL D 32 1.45 34.74 -14.67
CA VAL D 32 2.90 34.59 -14.75
C VAL D 32 3.32 33.31 -15.46
N GLU D 33 4.47 33.32 -16.12
CA GLU D 33 4.98 32.14 -16.77
C GLU D 33 5.97 31.45 -15.86
N VAL D 34 6.13 30.13 -16.06
CA VAL D 34 7.16 29.38 -15.35
C VAL D 34 8.04 28.59 -16.29
N TYR D 35 9.34 28.70 -16.05
CA TYR D 35 10.32 27.96 -16.83
C TYR D 35 10.98 26.93 -15.92
N GLY D 36 10.98 25.68 -16.36
CA GLY D 36 11.62 24.62 -15.62
C GLY D 36 13.10 24.60 -15.94
N VAL D 37 13.91 24.57 -14.89
CA VAL D 37 15.34 24.41 -15.04
C VAL D 37 15.61 22.95 -14.69
N TYR D 38 16.34 22.24 -15.54
CA TYR D 38 16.55 20.82 -15.31
C TYR D 38 17.93 20.51 -14.72
N HIS D 39 18.02 19.41 -13.98
CA HIS D 39 19.28 18.98 -13.35
C HIS D 39 19.85 19.97 -12.33
N GLY D 40 18.97 20.68 -11.63
CA GLY D 40 19.40 21.57 -10.57
C GLY D 40 20.33 22.67 -11.01
N TYR D 41 21.18 23.11 -10.09
CA TYR D 41 22.12 24.19 -10.39
C TYR D 41 23.04 23.83 -11.55
N ALA D 42 23.30 22.55 -11.74
CA ALA D 42 24.10 22.09 -12.89
C ALA D 42 23.38 22.45 -14.17
N GLY D 43 22.09 22.18 -14.18
CA GLY D 43 21.24 22.51 -15.31
C GLY D 43 21.14 24.00 -15.53
N LEU D 44 21.18 24.79 -14.44
CA LEU D 44 21.08 26.24 -14.54
C LEU D 44 22.31 26.84 -15.22
N ILE D 45 23.50 26.49 -14.73
CA ILE D 45 24.73 26.88 -15.40
C ILE D 45 24.63 26.54 -16.88
N ALA D 46 24.13 25.34 -17.16
CA ALA D 46 24.18 24.76 -18.51
C ALA D 46 23.16 25.33 -19.51
N GLY D 47 22.11 25.95 -19.01
CA GLY D 47 21.10 26.54 -19.88
C GLY D 47 19.93 25.61 -20.15
N ASN D 48 19.87 24.51 -19.41
CA ASN D 48 18.79 23.53 -19.45
C ASN D 48 17.44 24.13 -19.06
N ILE D 49 16.89 25.00 -19.89
CA ILE D 49 15.68 25.71 -19.50
C ILE D 49 14.56 25.59 -20.53
N LYS D 50 13.37 25.23 -20.08
CA LYS D 50 12.23 25.07 -20.97
C LYS D 50 10.93 25.46 -20.29
N LYS D 51 10.17 26.32 -20.96
CA LYS D 51 8.89 26.75 -20.44
C LYS D 51 8.06 25.54 -20.06
N LEU D 52 7.39 25.62 -18.91
CA LEU D 52 6.42 24.61 -18.48
C LEU D 52 5.02 25.06 -18.84
N GLU D 53 4.20 24.11 -19.30
CA GLU D 53 2.83 24.43 -19.70
C GLU D 53 1.82 23.85 -18.73
N VAL D 54 0.65 24.49 -18.64
CA VAL D 54 -0.42 24.04 -17.76
C VAL D 54 -0.50 22.51 -17.77
N GLY D 55 -0.14 21.91 -18.90
CA GLY D 55 -0.29 20.48 -19.08
C GLY D 55 0.91 19.63 -18.70
N ASP D 56 2.07 20.26 -18.54
CA ASP D 56 3.27 19.53 -18.12
C ASP D 56 3.22 19.17 -16.63
N VAL D 57 2.27 19.74 -15.90
CA VAL D 57 2.14 19.46 -14.48
C VAL D 57 0.83 18.72 -14.15
N GLY D 58 -0.03 18.58 -15.15
CA GLY D 58 -1.23 17.77 -15.01
C GLY D 58 -0.85 16.34 -14.76
N ASP D 59 -1.49 15.70 -13.79
CA ASP D 59 -1.17 14.32 -13.44
C ASP D 59 0.31 14.06 -13.10
N ILE D 60 0.82 14.79 -12.13
CA ILE D 60 2.12 14.46 -11.53
C ILE D 60 2.10 14.61 -10.00
N ILE D 61 0.98 15.07 -9.46
CA ILE D 61 0.88 15.32 -8.02
C ILE D 61 1.10 14.06 -7.19
N HIS D 62 0.92 12.89 -7.81
CA HIS D 62 0.97 11.61 -7.09
C HIS D 62 2.34 10.96 -7.27
N ARG D 63 3.19 11.63 -8.03
CA ARG D 63 4.37 11.03 -8.60
C ARG D 63 5.60 11.37 -7.77
N GLY D 64 6.30 10.35 -7.31
CA GLY D 64 7.54 10.55 -6.57
C GLY D 64 8.63 11.18 -7.42
N GLY D 65 9.81 11.37 -6.85
CA GLY D 65 10.93 11.94 -7.56
C GLY D 65 10.67 13.36 -8.02
N THR D 66 11.54 13.87 -8.89
CA THR D 66 11.37 15.20 -9.46
C THR D 66 11.46 15.16 -10.97
N ILE D 67 10.43 15.64 -11.66
CA ILE D 67 10.44 15.63 -13.12
C ILE D 67 11.52 16.55 -13.69
N LEU D 68 12.00 17.48 -12.89
CA LEU D 68 12.99 18.43 -13.38
C LEU D 68 14.39 17.90 -13.14
N TYR D 69 14.48 16.74 -12.53
CA TYR D 69 15.76 16.11 -12.21
C TYR D 69 16.52 16.93 -11.18
N THR D 70 17.72 16.47 -10.84
CA THR D 70 18.53 17.12 -9.82
C THR D 70 19.94 16.55 -9.86
N ALA D 71 20.93 17.42 -9.68
CA ALA D 71 22.33 16.98 -9.70
C ALA D 71 23.25 17.95 -8.96
N ARG D 72 24.34 17.41 -8.42
CA ARG D 72 25.33 18.23 -7.72
C ARG D 72 25.96 19.22 -8.68
N CYS D 73 26.62 20.25 -8.14
CA CYS D 73 27.24 21.26 -9.00
C CYS D 73 28.36 22.05 -8.32
N PRO D 74 29.58 21.48 -8.28
CA PRO D 74 30.73 22.21 -7.73
C PRO D 74 30.89 23.64 -8.30
N GLU D 75 30.63 23.82 -9.59
CA GLU D 75 30.81 25.12 -10.23
C GLU D 75 29.98 26.24 -9.57
N PHE D 76 28.84 25.88 -8.99
CA PHE D 76 27.94 26.88 -8.42
C PHE D 76 28.41 27.35 -7.05
N LYS D 77 29.51 26.78 -6.59
CA LYS D 77 30.12 27.20 -5.34
C LYS D 77 31.04 28.39 -5.58
N THR D 78 31.26 28.72 -6.85
CA THR D 78 32.15 29.82 -7.22
C THR D 78 31.40 30.98 -7.85
N GLU D 79 31.88 32.20 -7.57
CA GLU D 79 31.37 33.40 -8.23
C GLU D 79 31.17 33.10 -9.70
N GLU D 80 32.21 32.52 -10.30
CA GLU D 80 32.19 32.10 -11.70
C GLU D 80 30.84 31.52 -12.12
N GLY D 81 30.47 30.41 -11.49
CA GLY D 81 29.22 29.73 -11.81
C GLY D 81 27.96 30.54 -11.51
N GLN D 82 27.88 31.07 -10.29
CA GLN D 82 26.76 31.93 -9.91
C GLN D 82 26.50 32.95 -11.02
N LYS D 83 27.60 33.49 -11.57
CA LYS D 83 27.52 34.45 -12.65
C LYS D 83 26.86 33.87 -13.89
N LYS D 84 27.36 32.73 -14.35
CA LYS D 84 26.83 32.12 -15.57
C LYS D 84 25.36 31.74 -15.43
N GLY D 85 24.96 31.34 -14.22
CA GLY D 85 23.59 30.95 -13.97
C GLY D 85 22.63 32.09 -14.23
N ILE D 86 23.01 33.28 -13.76
CA ILE D 86 22.19 34.46 -13.94
C ILE D 86 22.12 34.89 -15.40
N GLU D 87 23.24 34.74 -16.11
CA GLU D 87 23.24 34.97 -17.55
C GLU D 87 22.14 34.13 -18.19
N GLN D 88 22.21 32.82 -17.96
CA GLN D 88 21.26 31.86 -18.53
C GLN D 88 19.84 32.18 -18.11
N LEU D 89 19.67 32.63 -16.88
CA LEU D 89 18.37 33.08 -16.39
C LEU D 89 17.96 34.34 -17.13
N LYS D 90 18.85 35.31 -17.16
CA LYS D 90 18.60 36.56 -17.88
C LYS D 90 18.33 36.27 -19.34
N LYS D 91 19.02 35.29 -19.91
CA LYS D 91 18.82 34.93 -21.31
C LYS D 91 17.37 34.53 -21.58
N HIS D 92 16.76 33.82 -20.65
CA HIS D 92 15.40 33.37 -20.86
C HIS D 92 14.36 34.34 -20.31
N GLY D 93 14.83 35.47 -19.78
CA GLY D 93 13.98 36.51 -19.22
C GLY D 93 13.32 36.11 -17.92
N ILE D 94 14.05 35.34 -17.12
CA ILE D 94 13.54 34.82 -15.85
C ILE D 94 13.95 35.78 -14.75
N GLU D 95 12.95 36.29 -14.03
CA GLU D 95 13.17 37.35 -13.05
C GLU D 95 13.09 36.83 -11.63
N GLY D 96 12.83 35.54 -11.49
CA GLY D 96 12.61 34.97 -10.18
C GLY D 96 12.77 33.47 -10.20
N LEU D 97 13.34 32.93 -9.13
CA LEU D 97 13.62 31.51 -9.05
C LEU D 97 13.10 30.90 -7.76
N VAL D 98 12.31 29.84 -7.89
CA VAL D 98 11.93 29.02 -6.76
C VAL D 98 12.87 27.83 -6.73
N VAL D 99 13.71 27.75 -5.70
CA VAL D 99 14.58 26.60 -5.51
C VAL D 99 13.95 25.62 -4.52
N ILE D 100 13.70 24.39 -4.98
CA ILE D 100 13.11 23.37 -4.13
C ILE D 100 14.12 22.29 -3.80
N GLY D 101 14.40 22.09 -2.52
CA GLY D 101 15.32 21.05 -2.11
C GLY D 101 15.96 21.21 -0.75
N GLY D 102 17.05 20.49 -0.52
CA GLY D 102 17.74 20.53 0.75
C GLY D 102 19.23 20.49 0.49
N ASP D 103 20.00 20.15 1.51
CA ASP D 103 21.46 20.16 1.40
C ASP D 103 21.97 21.51 0.92
N GLY D 104 21.68 22.57 1.67
CA GLY D 104 22.10 23.88 1.25
C GLY D 104 22.00 23.99 -0.25
N SER D 105 20.83 23.65 -0.77
CA SER D 105 20.42 24.11 -2.08
C SER D 105 19.92 25.52 -1.80
N TYR D 106 19.94 25.86 -0.51
CA TYR D 106 19.62 27.20 -0.02
C TYR D 106 20.81 28.15 -0.16
N GLN D 107 22.02 27.63 0.02
CA GLN D 107 23.21 28.45 -0.12
C GLN D 107 23.10 29.18 -1.44
N GLY D 108 22.77 28.43 -2.49
CA GLY D 108 22.61 28.98 -3.82
C GLY D 108 21.48 29.98 -3.95
N ALA D 109 20.35 29.69 -3.30
CA ALA D 109 19.25 30.64 -3.27
C ALA D 109 19.76 31.95 -2.68
N LYS D 110 20.60 31.82 -1.66
CA LYS D 110 21.19 32.97 -0.98
C LYS D 110 22.17 33.69 -1.91
N LYS D 111 23.20 32.98 -2.34
CA LYS D 111 24.17 33.51 -3.29
C LYS D 111 23.48 34.23 -4.45
N LEU D 112 22.51 33.57 -5.07
CA LEU D 112 21.75 34.16 -6.16
C LEU D 112 21.16 35.49 -5.77
N THR D 113 20.55 35.51 -4.59
CA THR D 113 19.85 36.70 -4.12
C THR D 113 20.83 37.85 -3.91
N GLU D 114 21.99 37.52 -3.36
CA GLU D 114 23.06 38.48 -3.12
C GLU D 114 23.60 39.09 -4.41
N HIS D 115 23.44 38.40 -5.52
CA HIS D 115 23.81 38.92 -6.82
C HIS D 115 22.58 39.58 -7.44
N GLY D 116 21.60 39.88 -6.60
CA GLY D 116 20.42 40.59 -7.03
C GLY D 116 19.53 39.82 -8.00
N PHE D 117 19.45 38.50 -7.82
CA PHE D 117 18.41 37.71 -8.45
C PHE D 117 17.50 37.10 -7.39
N PRO D 118 16.21 37.43 -7.45
CA PRO D 118 15.20 37.07 -6.44
C PRO D 118 14.96 35.56 -6.38
N CYS D 119 15.05 35.02 -5.16
CA CYS D 119 15.16 33.59 -4.99
C CYS D 119 14.43 33.12 -3.73
N VAL D 120 13.67 32.04 -3.85
CA VAL D 120 12.90 31.53 -2.70
C VAL D 120 13.12 30.03 -2.53
N GLY D 121 13.34 29.59 -1.29
CA GLY D 121 13.58 28.19 -1.02
C GLY D 121 12.37 27.44 -0.49
N VAL D 122 12.13 26.24 -1.02
CA VAL D 122 11.10 25.34 -0.49
C VAL D 122 11.79 24.09 0.05
N PRO D 123 11.44 23.70 1.29
CA PRO D 123 12.10 22.60 2.01
C PRO D 123 11.83 21.26 1.38
N GLY D 124 12.87 20.63 0.82
CA GLY D 124 12.71 19.36 0.14
C GLY D 124 13.72 18.32 0.56
N THR D 125 13.32 17.44 1.45
CA THR D 125 14.14 16.31 1.85
C THR D 125 13.27 15.34 2.62
N ILE D 126 13.75 14.13 2.82
CA ILE D 126 13.02 13.15 3.61
C ILE D 126 13.40 13.25 5.08
N ASP D 127 14.56 13.85 5.36
CA ASP D 127 15.12 13.77 6.72
C ASP D 127 14.80 14.95 7.64
N ASN D 128 13.92 15.85 7.19
CA ASN D 128 13.44 16.94 8.02
C ASN D 128 14.52 17.95 8.43
N ASP D 129 15.75 17.71 8.01
CA ASP D 129 16.87 18.56 8.36
C ASP D 129 17.01 19.78 7.45
N ILE D 130 15.95 20.60 7.40
CA ILE D 130 16.09 21.94 6.84
C ILE D 130 15.50 22.93 7.84
N PRO D 131 16.16 24.08 8.02
CA PRO D 131 15.61 25.08 8.96
C PRO D 131 14.44 25.81 8.31
N GLY D 132 13.79 26.67 9.10
CA GLY D 132 12.71 27.51 8.61
C GLY D 132 11.34 26.85 8.64
N THR D 133 11.32 25.58 8.99
CA THR D 133 10.09 24.80 8.96
C THR D 133 10.17 23.62 9.92
N ASP D 134 9.03 23.27 10.52
CA ASP D 134 8.98 22.15 11.46
C ASP D 134 9.12 20.83 10.69
N PHE D 135 8.45 20.75 9.55
CA PHE D 135 8.54 19.56 8.68
C PHE D 135 8.95 19.92 7.27
N THR D 136 9.62 19.00 6.59
CA THR D 136 10.11 19.24 5.24
C THR D 136 9.29 18.40 4.29
N ILE D 137 9.32 18.70 3.01
CA ILE D 137 8.55 17.89 2.06
C ILE D 137 9.23 16.55 1.84
N GLY D 138 8.56 15.47 2.24
CA GLY D 138 9.01 14.12 1.94
C GLY D 138 9.13 13.28 3.18
N PHE D 139 9.20 13.95 4.32
CA PHE D 139 9.37 13.32 5.63
C PHE D 139 8.21 12.39 5.99
N ASP D 140 6.98 12.85 5.79
CA ASP D 140 5.81 12.05 6.14
C ASP D 140 5.77 10.75 5.34
N THR D 141 6.08 10.84 4.05
CA THR D 141 6.08 9.69 3.16
C THR D 141 7.20 8.75 3.55
N ALA D 142 8.38 9.32 3.79
CA ALA D 142 9.53 8.51 4.16
C ALA D 142 9.27 7.70 5.42
N LEU D 143 8.48 8.29 6.33
CA LEU D 143 8.14 7.63 7.60
C LEU D 143 7.25 6.43 7.34
N ASN D 144 6.21 6.64 6.54
CA ASN D 144 5.30 5.54 6.23
C ASN D 144 6.01 4.43 5.45
N THR D 145 7.09 4.78 4.78
CA THR D 145 7.94 3.79 4.15
C THR D 145 8.69 3.02 5.23
N VAL D 146 9.27 3.72 6.18
CA VAL D 146 10.00 3.08 7.26
C VAL D 146 9.10 2.18 8.10
N ILE D 147 7.94 2.69 8.53
CA ILE D 147 7.08 1.91 9.43
C ILE D 147 6.38 0.77 8.69
N ASP D 148 6.27 0.90 7.38
CA ASP D 148 5.77 -0.21 6.60
C ASP D 148 6.80 -1.34 6.61
N ALA D 149 8.07 -0.95 6.57
CA ALA D 149 9.17 -1.90 6.73
C ALA D 149 9.18 -2.46 8.15
N ILE D 150 8.99 -1.58 9.13
CA ILE D 150 8.91 -2.00 10.52
C ILE D 150 7.76 -2.98 10.72
N ASP D 151 6.61 -2.71 10.14
CA ASP D 151 5.48 -3.64 10.22
C ASP D 151 5.82 -5.05 9.72
N LYS D 152 6.51 -5.10 8.58
CA LYS D 152 6.87 -6.37 7.98
C LYS D 152 7.91 -7.10 8.81
N ILE D 153 9.01 -6.43 9.15
CA ILE D 153 10.07 -7.10 9.89
C ILE D 153 9.59 -7.60 11.25
N ARG D 154 8.54 -6.99 11.79
CA ARG D 154 7.97 -7.48 13.04
C ARG D 154 7.28 -8.83 12.83
N ASP D 155 6.72 -9.03 11.65
CA ASP D 155 6.07 -10.30 11.36
C ASP D 155 7.05 -11.45 11.51
N THR D 156 8.22 -11.36 10.88
CA THR D 156 9.23 -12.41 11.06
C THR D 156 9.76 -12.42 12.46
N ALA D 157 10.02 -11.24 13.01
CA ALA D 157 10.63 -11.14 14.34
C ALA D 157 9.80 -11.90 15.36
N THR D 158 8.49 -11.69 15.30
CA THR D 158 7.52 -12.35 16.16
C THR D 158 7.50 -13.87 15.92
N SER D 159 7.49 -14.26 14.65
CA SER D 159 7.45 -15.66 14.26
C SER D 159 8.65 -16.44 14.77
N HIS D 160 9.83 -15.83 14.71
CA HIS D 160 11.07 -16.53 14.97
C HIS D 160 11.68 -16.19 16.32
N GLU D 161 10.99 -15.36 17.08
CA GLU D 161 11.54 -14.86 18.34
C GLU D 161 12.96 -14.34 18.14
N ARG D 162 13.11 -13.32 17.30
CA ARG D 162 14.41 -12.77 16.98
C ARG D 162 14.42 -11.28 17.20
N THR D 163 15.61 -10.70 17.25
CA THR D 163 15.75 -9.27 17.49
C THR D 163 16.34 -8.62 16.25
N TYR D 164 15.74 -7.52 15.80
CA TYR D 164 16.22 -6.84 14.60
C TYR D 164 16.73 -5.43 14.85
N VAL D 165 17.90 -5.14 14.31
CA VAL D 165 18.37 -3.76 14.14
C VAL D 165 18.01 -3.32 12.73
N ILE D 166 17.13 -2.33 12.63
CA ILE D 166 16.84 -1.71 11.35
C ILE D 166 17.54 -0.36 11.29
N GLU D 167 18.43 -0.18 10.32
CA GLU D 167 19.12 1.10 10.14
C GLU D 167 18.36 2.00 9.16
N VAL D 168 17.85 3.12 9.65
CA VAL D 168 17.09 4.05 8.82
C VAL D 168 17.97 5.21 8.33
N MET D 169 17.43 6.04 7.44
CA MET D 169 18.18 7.21 6.98
C MET D 169 18.06 8.38 7.97
N GLY D 170 18.76 9.46 7.69
CA GLY D 170 18.88 10.58 8.62
C GLY D 170 20.34 10.85 8.93
N ARG D 171 21.05 11.35 7.91
CA ARG D 171 22.51 11.47 7.93
C ARG D 171 23.01 12.22 9.15
N HIS D 172 22.28 13.26 9.52
CA HIS D 172 22.64 14.06 10.68
C HIS D 172 21.47 14.16 11.64
N ALA D 173 20.26 14.16 11.09
CA ALA D 173 19.04 14.30 11.87
C ALA D 173 18.45 12.94 12.26
N GLY D 174 18.03 12.83 13.52
CA GLY D 174 17.42 11.61 14.03
C GLY D 174 15.92 11.64 13.89
N ASP D 175 15.42 12.52 13.04
CA ASP D 175 13.99 12.71 12.94
C ASP D 175 13.30 11.42 12.56
N ILE D 176 13.68 10.89 11.39
CA ILE D 176 13.11 9.65 10.88
C ILE D 176 13.10 8.55 11.95
N ALA D 177 14.26 8.30 12.56
CA ALA D 177 14.36 7.31 13.62
C ALA D 177 13.43 7.62 14.78
N LEU D 178 13.48 8.84 15.30
CA LEU D 178 12.58 9.18 16.39
C LEU D 178 11.14 8.86 16.02
N TRP D 179 10.65 9.50 14.96
CA TRP D 179 9.24 9.41 14.63
C TRP D 179 8.81 8.01 14.23
N SER D 180 9.57 7.37 13.34
CA SER D 180 9.19 6.05 12.85
C SER D 180 9.25 5.00 13.95
N GLY D 181 10.35 5.02 14.71
CA GLY D 181 10.52 4.11 15.84
C GLY D 181 9.44 4.26 16.89
N LEU D 182 8.95 5.49 17.07
CA LEU D 182 7.81 5.71 17.93
C LEU D 182 6.60 5.00 17.34
N ALA D 183 6.43 5.12 16.03
CA ALA D 183 5.24 4.62 15.33
C ALA D 183 5.25 3.11 15.12
N GLY D 184 6.43 2.50 15.20
CA GLY D 184 6.56 1.06 14.99
C GLY D 184 6.65 0.25 16.27
N GLY D 185 6.42 0.91 17.41
CA GLY D 185 6.55 0.27 18.70
C GLY D 185 7.97 -0.17 18.97
N ALA D 186 8.92 0.48 18.30
CA ALA D 186 10.32 0.19 18.48
C ALA D 186 10.73 0.35 19.93
N GLU D 187 11.40 -0.68 20.44
CA GLU D 187 11.73 -0.74 21.85
C GLU D 187 13.13 -0.24 22.13
N THR D 188 13.78 0.25 21.09
CA THR D 188 15.04 0.97 21.23
C THR D 188 15.20 1.85 20.01
N ILE D 189 15.49 3.13 20.22
CA ILE D 189 15.68 4.11 19.15
C ILE D 189 16.94 4.92 19.41
N LEU D 190 17.86 4.92 18.46
CA LEU D 190 19.14 5.58 18.66
C LEU D 190 19.37 6.74 17.69
N ILE D 191 19.40 7.95 18.24
CA ILE D 191 19.48 9.17 17.45
C ILE D 191 20.73 9.97 17.80
N PRO D 192 21.11 10.91 16.91
CA PRO D 192 22.25 11.82 17.09
C PRO D 192 22.05 12.90 18.15
N GLU D 193 20.81 13.33 18.36
CA GLU D 193 20.47 14.42 19.29
C GLU D 193 20.25 13.95 20.73
N ALA D 194 20.52 12.68 20.99
CA ALA D 194 20.23 12.12 22.30
C ALA D 194 21.24 11.07 22.68
N ASP D 195 21.84 11.21 23.84
CA ASP D 195 22.77 10.21 24.33
C ASP D 195 22.10 8.83 24.45
N TYR D 196 22.92 7.81 24.31
CA TYR D 196 22.48 6.45 24.56
C TYR D 196 23.61 5.69 25.22
N ASP D 197 23.26 4.63 25.92
CA ASP D 197 24.27 3.81 26.58
C ASP D 197 24.08 2.37 26.15
N MET D 198 25.05 1.83 25.43
CA MET D 198 24.87 0.53 24.81
C MET D 198 24.62 -0.54 25.87
N ASN D 199 25.29 -0.37 27.02
CA ASN D 199 25.12 -1.28 28.14
C ASN D 199 23.69 -1.25 28.63
N ASP D 200 23.05 -0.09 28.48
CA ASP D 200 21.65 0.05 28.84
C ASP D 200 20.76 -0.71 27.86
N VAL D 201 21.02 -0.54 26.56
CA VAL D 201 20.25 -1.26 25.56
C VAL D 201 20.33 -2.77 25.80
N ILE D 202 21.54 -3.26 26.03
CA ILE D 202 21.76 -4.70 26.21
C ILE D 202 20.98 -5.23 27.41
N ALA D 203 21.09 -4.54 28.54
CA ALA D 203 20.37 -4.95 29.72
C ALA D 203 18.86 -4.96 29.48
N ARG D 204 18.32 -3.84 28.99
CA ARG D 204 16.89 -3.75 28.71
C ARG D 204 16.44 -4.97 27.94
N LEU D 205 17.18 -5.31 26.87
CA LEU D 205 16.84 -6.46 26.05
C LEU D 205 16.81 -7.75 26.86
N LYS D 206 17.92 -8.06 27.53
CA LYS D 206 17.98 -9.22 28.42
C LYS D 206 16.75 -9.23 29.33
N ARG D 207 16.40 -8.06 29.84
CA ARG D 207 15.35 -7.91 30.81
C ARG D 207 13.98 -8.32 30.27
N GLY D 208 13.78 -8.07 28.98
CA GLY D 208 12.52 -8.40 28.33
C GLY D 208 12.43 -9.88 27.96
N HIS D 209 13.57 -10.47 27.65
CA HIS D 209 13.64 -11.89 27.37
C HIS D 209 13.00 -12.61 28.56
N GLU D 210 13.38 -12.17 29.75
CA GLU D 210 12.81 -12.69 30.98
C GLU D 210 11.31 -12.43 30.99
N ARG D 211 10.93 -11.16 31.03
CA ARG D 211 9.52 -10.78 31.15
C ARG D 211 8.65 -11.22 29.96
N GLY D 212 9.05 -12.31 29.31
CA GLY D 212 8.23 -12.95 28.30
C GLY D 212 8.43 -12.50 26.86
N LYS D 213 9.31 -11.52 26.65
CA LYS D 213 9.52 -10.96 25.31
C LYS D 213 10.66 -11.66 24.56
N LYS D 214 10.36 -12.20 23.39
CA LYS D 214 11.37 -12.91 22.62
C LYS D 214 11.75 -12.14 21.35
N HIS D 215 10.87 -11.26 20.88
CA HIS D 215 11.22 -10.40 19.77
C HIS D 215 11.42 -8.96 20.19
N SER D 216 12.10 -8.19 19.35
CA SER D 216 12.49 -6.84 19.67
C SER D 216 12.97 -6.12 18.42
N ILE D 217 12.71 -4.82 18.33
CA ILE D 217 13.19 -4.05 17.20
C ILE D 217 13.92 -2.80 17.64
N ILE D 218 15.05 -2.56 17.02
CA ILE D 218 15.93 -1.47 17.38
C ILE D 218 16.15 -0.56 16.18
N ILE D 219 15.46 0.56 16.14
CA ILE D 219 15.65 1.52 15.06
C ILE D 219 16.93 2.29 15.30
N VAL D 220 17.73 2.46 14.27
CA VAL D 220 18.98 3.20 14.42
C VAL D 220 19.21 4.14 13.25
N ALA D 221 19.29 5.43 13.53
CA ALA D 221 19.61 6.41 12.51
C ALA D 221 21.02 6.20 11.96
N GLU D 222 21.18 6.30 10.64
CA GLU D 222 22.48 6.08 10.04
C GLU D 222 23.52 7.03 10.63
N GLY D 223 23.05 8.22 11.03
CA GLY D 223 23.93 9.24 11.58
C GLY D 223 24.57 8.85 12.91
N VAL D 224 24.03 7.80 13.53
CA VAL D 224 24.60 7.28 14.75
C VAL D 224 25.70 6.27 14.47
N GLY D 225 25.42 5.33 13.57
CA GLY D 225 26.40 4.33 13.19
C GLY D 225 25.83 3.36 12.17
N SER D 226 26.59 2.30 11.90
CA SER D 226 26.16 1.24 10.99
C SER D 226 25.41 0.17 11.75
N GLY D 227 24.18 -0.12 11.31
CA GLY D 227 23.41 -1.18 11.93
C GLY D 227 24.22 -2.45 12.13
N VAL D 228 25.03 -2.78 11.13
CA VAL D 228 25.85 -3.98 11.17
C VAL D 228 26.72 -4.09 12.42
N ASP D 229 27.32 -2.98 12.84
CA ASP D 229 28.15 -2.97 14.04
C ASP D 229 27.29 -3.08 15.29
N PHE D 230 26.10 -2.47 15.23
CA PHE D 230 25.21 -2.47 16.38
C PHE D 230 24.69 -3.87 16.67
N GLY D 231 24.26 -4.56 15.62
CA GLY D 231 23.78 -5.92 15.73
C GLY D 231 24.87 -6.80 16.31
N ARG D 232 26.07 -6.70 15.76
CA ARG D 232 27.22 -7.44 16.26
C ARG D 232 27.34 -7.28 17.76
N GLN D 233 27.32 -6.03 18.21
CA GLN D 233 27.47 -5.71 19.61
C GLN D 233 26.41 -6.42 20.47
N ILE D 234 25.22 -6.60 19.91
CA ILE D 234 24.09 -7.15 20.66
C ILE D 234 24.08 -8.69 20.72
N GLN D 235 24.18 -9.36 19.58
CA GLN D 235 24.19 -10.83 19.54
C GLN D 235 25.38 -11.38 20.34
N GLU D 236 26.53 -10.73 20.15
CA GLU D 236 27.77 -11.08 20.84
C GLU D 236 27.60 -10.96 22.35
N ALA D 237 26.62 -10.17 22.75
CA ALA D 237 26.50 -9.80 24.14
C ALA D 237 25.31 -10.44 24.83
N THR D 238 24.44 -11.06 24.04
CA THR D 238 23.19 -11.60 24.58
C THR D 238 22.96 -13.04 24.13
N GLY D 239 23.68 -13.45 23.10
CA GLY D 239 23.53 -14.80 22.56
C GLY D 239 22.27 -14.95 21.74
N PHE D 240 21.38 -13.97 21.81
CA PHE D 240 20.18 -13.97 20.97
C PHE D 240 20.61 -13.84 19.51
N GLU D 241 19.97 -14.60 18.63
CA GLU D 241 20.27 -14.41 17.23
C GLU D 241 19.61 -13.11 16.76
N THR D 242 20.38 -12.32 16.03
CA THR D 242 20.05 -10.93 15.82
C THR D 242 20.28 -10.55 14.37
N ARG D 243 19.20 -10.33 13.63
CA ARG D 243 19.31 -9.93 12.23
C ARG D 243 19.47 -8.41 12.12
N VAL D 244 20.04 -7.96 11.00
CA VAL D 244 20.24 -6.54 10.73
C VAL D 244 19.64 -6.17 9.37
N THR D 245 19.00 -5.01 9.28
CA THR D 245 18.37 -4.59 8.03
C THR D 245 18.64 -3.13 7.72
N VAL D 246 19.23 -2.87 6.57
CA VAL D 246 19.49 -1.49 6.14
C VAL D 246 18.54 -1.08 5.01
N LEU D 247 17.50 -0.31 5.35
CA LEU D 247 16.47 0.05 4.37
C LEU D 247 17.00 0.90 3.22
N GLY D 248 17.98 1.74 3.51
CA GLY D 248 18.57 2.55 2.47
C GLY D 248 17.53 3.23 1.59
N HIS D 249 17.83 3.28 0.30
CA HIS D 249 17.20 4.27 -0.57
C HIS D 249 15.72 4.09 -0.92
N VAL D 250 15.14 2.96 -0.53
CA VAL D 250 13.71 2.78 -0.74
C VAL D 250 13.04 3.98 -0.11
N GLN D 251 13.59 4.42 1.02
CA GLN D 251 13.12 5.58 1.76
C GLN D 251 12.94 6.85 0.92
N ARG D 252 13.76 7.01 -0.11
CA ARG D 252 13.76 8.20 -0.95
C ARG D 252 12.64 8.25 -1.99
N GLY D 253 12.05 7.10 -2.29
CA GLY D 253 11.03 7.08 -3.33
C GLY D 253 9.65 6.70 -2.85
N GLY D 254 8.67 6.83 -3.74
CA GLY D 254 7.30 6.45 -3.44
C GLY D 254 6.33 7.57 -3.75
N SER D 255 5.04 7.22 -3.82
CA SER D 255 4.01 8.22 -3.99
C SER D 255 3.86 8.96 -2.68
N PRO D 256 3.91 10.30 -2.76
CA PRO D 256 3.86 11.16 -1.58
C PRO D 256 2.54 11.01 -0.85
N THR D 257 2.60 10.91 0.48
CA THR D 257 1.42 10.83 1.33
C THR D 257 0.57 12.09 1.27
N ALA D 258 -0.63 12.03 1.84
CA ALA D 258 -1.56 13.15 1.78
C ALA D 258 -0.98 14.39 2.45
N PHE D 259 -0.25 14.18 3.55
CA PHE D 259 0.41 15.28 4.24
C PHE D 259 1.47 15.93 3.35
N ASP D 260 2.24 15.11 2.64
CA ASP D 260 3.32 15.61 1.81
C ASP D 260 2.79 16.33 0.59
N ARG D 261 1.62 15.91 0.09
CA ARG D 261 1.03 16.57 -1.07
C ARG D 261 0.47 17.95 -0.72
N VAL D 262 -0.29 18.02 0.37
CA VAL D 262 -0.84 19.29 0.83
C VAL D 262 0.26 20.27 1.18
N LEU D 263 1.24 19.81 1.95
CA LEU D 263 2.34 20.67 2.38
C LEU D 263 3.05 21.24 1.18
N ALA D 264 3.30 20.37 0.20
CA ALA D 264 4.02 20.76 -1.01
C ALA D 264 3.22 21.75 -1.84
N SER D 265 1.90 21.59 -1.89
CA SER D 265 1.06 22.53 -2.63
C SER D 265 1.00 23.89 -1.94
N ARG D 266 0.90 23.88 -0.62
CA ARG D 266 0.88 25.11 0.15
C ARG D 266 2.22 25.85 0.04
N LEU D 267 3.29 25.23 0.53
CA LEU D 267 4.63 25.81 0.46
C LEU D 267 4.98 26.36 -0.92
N GLY D 268 4.91 25.50 -1.93
CA GLY D 268 5.26 25.90 -3.29
C GLY D 268 4.46 27.09 -3.77
N ALA D 269 3.20 27.17 -3.36
CA ALA D 269 2.36 28.31 -3.73
C ALA D 269 2.78 29.57 -2.95
N ARG D 270 3.13 29.39 -1.69
CA ARG D 270 3.61 30.50 -0.89
C ARG D 270 4.85 31.09 -1.54
N ALA D 271 5.75 30.21 -1.97
CA ALA D 271 7.03 30.63 -2.51
C ALA D 271 6.83 31.56 -3.70
N VAL D 272 5.82 31.25 -4.50
CA VAL D 272 5.50 32.06 -5.67
C VAL D 272 4.97 33.42 -5.25
N GLU D 273 4.10 33.44 -4.24
CA GLU D 273 3.53 34.68 -3.73
C GLU D 273 4.65 35.64 -3.32
N LEU D 274 5.67 35.11 -2.66
CA LEU D 274 6.80 35.89 -2.21
C LEU D 274 7.58 36.53 -3.35
N LEU D 275 7.90 35.75 -4.38
CA LEU D 275 8.58 36.28 -5.55
C LEU D 275 7.78 37.44 -6.13
N LEU D 276 6.51 37.18 -6.40
CA LEU D 276 5.64 38.13 -7.06
C LEU D 276 5.50 39.45 -6.32
N GLU D 277 5.53 39.41 -4.99
CA GLU D 277 5.43 40.65 -4.22
C GLU D 277 6.79 41.29 -3.91
N GLY D 278 7.80 40.89 -4.68
CA GLY D 278 9.10 41.54 -4.62
C GLY D 278 10.11 40.88 -3.69
N LYS D 279 9.65 40.03 -2.79
CA LYS D 279 10.57 39.42 -1.83
C LYS D 279 11.55 38.46 -2.49
N GLY D 280 12.62 38.13 -1.76
CA GLY D 280 13.68 37.29 -2.28
C GLY D 280 14.67 36.98 -1.18
N GLY D 281 15.47 35.94 -1.36
CA GLY D 281 16.39 35.50 -0.31
C GLY D 281 15.64 34.91 0.87
N ARG D 282 14.40 34.49 0.63
CA ARG D 282 13.59 33.92 1.69
C ARG D 282 13.36 32.43 1.46
N CYS D 283 12.95 31.74 2.51
CA CYS D 283 12.56 30.33 2.43
C CYS D 283 11.26 30.13 3.22
N VAL D 284 10.28 29.49 2.62
CA VAL D 284 9.03 29.27 3.33
C VAL D 284 9.07 27.95 4.07
N GLY D 285 7.99 27.65 4.76
CA GLY D 285 7.91 26.43 5.54
C GLY D 285 6.65 26.42 6.34
N ILE D 286 6.46 25.37 7.12
CA ILE D 286 5.35 25.31 8.05
C ILE D 286 5.89 25.27 9.48
N GLN D 287 5.41 26.19 10.32
CA GLN D 287 5.79 26.22 11.73
C GLN D 287 4.56 26.40 12.60
N ASN D 288 4.46 25.58 13.65
CA ASN D 288 3.30 25.59 14.52
C ASN D 288 2.01 25.65 13.72
N ASN D 289 1.90 24.73 12.76
CA ASN D 289 0.74 24.63 11.90
C ASN D 289 0.38 25.96 11.26
N GLN D 290 1.40 26.76 10.99
CA GLN D 290 1.17 28.02 10.28
C GLN D 290 2.19 28.23 9.18
N LEU D 291 1.77 28.93 8.13
CA LEU D 291 2.65 29.27 7.04
C LEU D 291 3.56 30.39 7.46
N VAL D 292 4.85 30.19 7.24
CA VAL D 292 5.85 31.18 7.62
C VAL D 292 6.83 31.43 6.49
N ASP D 293 7.54 32.55 6.54
CA ASP D 293 8.70 32.73 5.69
C ASP D 293 9.81 33.39 6.47
N HIS D 294 11.05 33.09 6.09
CA HIS D 294 12.20 33.58 6.83
C HIS D 294 13.29 33.99 5.87
N ASP D 295 14.25 34.74 6.39
CA ASP D 295 15.47 35.04 5.68
C ASP D 295 16.31 33.77 5.67
N ILE D 296 16.79 33.36 4.51
CA ILE D 296 17.66 32.20 4.48
C ILE D 296 18.87 32.44 5.38
N ALA D 297 19.55 33.56 5.19
CA ALA D 297 20.68 33.90 6.05
C ALA D 297 20.38 33.55 7.50
N GLU D 298 19.25 34.03 8.03
CA GLU D 298 18.88 33.80 9.42
C GLU D 298 18.59 32.34 9.71
N ALA D 299 17.87 31.70 8.78
CA ALA D 299 17.42 30.33 8.97
C ALA D 299 18.57 29.32 8.97
N LEU D 300 19.59 29.55 8.13
CA LEU D 300 20.73 28.65 8.05
C LEU D 300 21.55 28.61 9.35
N ALA D 301 21.21 29.46 10.30
CA ALA D 301 21.97 29.55 11.53
C ALA D 301 21.34 28.70 12.63
N ASN D 302 20.06 28.39 12.47
CA ASN D 302 19.32 27.62 13.47
C ASN D 302 19.67 26.15 13.49
N LYS D 303 20.42 25.75 14.51
CA LYS D 303 20.76 24.34 14.70
C LYS D 303 19.48 23.49 14.80
N HIS D 304 19.50 22.33 14.16
CA HIS D 304 18.33 21.47 14.09
C HIS D 304 18.08 20.75 15.40
N THR D 305 16.80 20.56 15.74
CA THR D 305 16.47 19.82 16.96
C THR D 305 15.31 18.84 16.78
N ILE D 306 15.24 17.88 17.69
CA ILE D 306 14.14 16.94 17.73
C ILE D 306 13.41 17.18 19.03
N ASP D 307 12.12 16.90 19.03
CA ASP D 307 11.31 17.06 20.23
C ASP D 307 11.75 16.02 21.27
N GLN D 308 12.49 16.46 22.29
CA GLN D 308 13.05 15.55 23.30
C GLN D 308 12.00 14.87 24.20
N ARG D 309 10.81 15.46 24.30
CA ARG D 309 9.75 14.90 25.12
C ARG D 309 9.24 13.65 24.43
N MET D 310 9.36 13.64 23.10
CA MET D 310 8.94 12.48 22.32
C MET D 310 9.91 11.33 22.49
N TYR D 311 11.20 11.60 22.34
CA TYR D 311 12.22 10.59 22.64
C TYR D 311 11.96 10.00 24.03
N ALA D 312 11.70 10.89 24.99
CA ALA D 312 11.36 10.47 26.34
C ALA D 312 10.15 9.55 26.33
N LEU D 313 9.06 10.03 25.73
CA LEU D 313 7.83 9.26 25.61
C LEU D 313 8.11 7.83 25.18
N SER D 314 8.86 7.71 24.08
CA SER D 314 9.15 6.41 23.49
C SER D 314 9.93 5.49 24.44
N LYS D 315 10.79 6.05 25.28
CA LYS D 315 11.49 5.27 26.29
C LYS D 315 10.50 4.78 27.35
N GLU D 316 9.61 5.66 27.75
CA GLU D 316 8.61 5.30 28.73
C GLU D 316 7.71 4.22 28.16
N LEU D 317 7.17 4.47 26.97
CA LEU D 317 6.25 3.52 26.35
C LEU D 317 6.91 2.18 26.06
N SER D 318 8.22 2.09 26.26
CA SER D 318 8.95 0.89 25.88
C SER D 318 9.97 0.41 26.90
N ILE D 319 9.65 0.48 28.17
CA ILE D 319 10.41 -0.28 29.15
C ILE D 319 9.85 -1.68 29.11
CA CA E . -0.18 -5.03 -3.22
CA CA F . 5.85 7.20 -8.43
CA CA G . -5.50 -3.83 10.41
CA CA H . -0.81 4.81 -11.39
CA CA I . 5.91 19.15 19.19
#